data_3EVJ
#
_entry.id   3EVJ
#
_cell.length_a   65.846
_cell.length_b   87.055
_cell.length_c   92.383
_cell.angle_alpha   90.00
_cell.angle_beta   106.18
_cell.angle_gamma   90.00
#
_symmetry.space_group_name_H-M   'P 1 21 1'
#
loop_
_entity.id
_entity.type
_entity.pdbx_description
1 polymer Antithrombin-III
2 branched alpha-D-mannopyranose-(1-4)-2-acetamido-2-deoxy-beta-D-glucopyranose-(1-4)-2-acetamido-2-deoxy-beta-D-glucopyranose
3 branched 2-acetamido-2-deoxy-beta-D-glucopyranose-(1-4)-2-acetamido-2-deoxy-beta-D-glucopyranose
4 branched alpha-D-mannopyranose-(1-3)-[alpha-D-mannopyranose-(1-6)]alpha-D-mannopyranose-(1-4)-2-acetamido-2-deoxy-beta-D-glucopyranose-(1-4)-2-acetamido-2-deoxy-beta-D-glucopyranose
5 branched '2-deoxy-6-O-sulfo-2-(sulfoamino)-alpha-D-glucopyranose-(1-4)-beta-D-glucopyranuronic acid-(1-4)-2-deoxy-3,6-di-O-sulfo-2-(sulfoamino)-alpha-D-glucopyranose-(1-4)-2-O-sulfo-alpha-L-idopyranuronic acid-(1-4)-methyl 2-deoxy-6-O-sulfo-2-(sulfoamino)-alpha-D-glucopyranoside'
6 non-polymer 2-acetamido-2-deoxy-beta-D-glucopyranose
7 water water
#
_entity_poly.entity_id   1
_entity_poly.type   'polypeptide(L)'
_entity_poly.pdbx_seq_one_letter_code
;HGSPVDICTAKPRDIPMNPMCIYRSPEKKATEDEGSEQKIPEATNRRVWELSKANSRFATTFYQHLADSKNDNDNIFLSP
LSISTAFAMTKLGACNDTLQQLMEVFKFDTISEKTSDQIHFFFAKLNCRLYRKANKSSKLVSANRLFGDKSLTFNETYQD
ISELVYGAKLQPLDFKENAEQSRAAINKWVSNKTEGRITDVIPSEAINELTVLVLVNTIYFKGLWKSKFSPENTRKELFY
KADGESCSASMMYQEGKFRYRRVAEGTQVLELPFKGDDITMVLILPKPEKSLAKVEKELTPEVLQEWLDELEEMMLVVHM
PRFRIEDGFSLKEQLQDMGLVDLFSPEKSKLPGIVAEGRDDLYVSDAFHKAFLEVNEEGSEAAASTAVVIAGRSLNPNRV
TFKANRPFLVFIREVPLNTIIFMGRVANPCVK
;
_entity_poly.pdbx_strand_id   I,L
#
# COMPACT_ATOMS: atom_id res chain seq x y z
N ASP A 6 -6.57 27.11 32.29
CA ASP A 6 -6.90 25.96 31.41
C ASP A 6 -8.24 26.15 30.70
N ILE A 7 -8.27 25.90 29.39
CA ILE A 7 -9.49 26.07 28.60
C ILE A 7 -10.14 24.78 28.12
N CYS A 8 -9.34 23.77 27.84
CA CYS A 8 -9.86 22.51 27.34
C CYS A 8 -10.98 21.90 28.20
N THR A 9 -10.90 22.03 29.52
CA THR A 9 -11.95 21.45 30.38
C THR A 9 -12.43 22.29 31.57
N ALA A 10 -11.97 23.53 31.69
CA ALA A 10 -12.40 24.39 32.79
C ALA A 10 -13.92 24.57 32.82
N LYS A 11 -14.36 25.80 33.06
CA LYS A 11 -15.78 26.13 33.08
C LYS A 11 -15.88 27.63 33.36
N PRO A 12 -16.77 28.33 32.64
CA PRO A 12 -16.97 29.78 32.80
C PRO A 12 -17.14 30.24 34.25
N ARG A 13 -17.95 29.48 34.99
CA ARG A 13 -18.22 29.73 36.39
C ARG A 13 -16.91 30.01 37.15
N ASP A 14 -15.84 29.36 36.69
CA ASP A 14 -14.55 29.48 37.32
C ASP A 14 -13.62 30.59 36.85
N ILE A 15 -13.99 31.31 35.80
CA ILE A 15 -13.13 32.39 35.32
C ILE A 15 -13.89 33.54 34.71
N PRO A 16 -14.75 34.20 35.50
CA PRO A 16 -15.57 35.34 35.05
C PRO A 16 -14.89 36.13 33.93
N MET A 17 -15.49 36.11 32.74
CA MET A 17 -14.92 36.80 31.59
C MET A 17 -15.93 37.44 30.63
N ASN A 18 -16.82 38.28 31.13
CA ASN A 18 -17.80 38.92 30.27
C ASN A 18 -17.29 40.19 29.63
N PRO A 19 -17.96 40.65 28.55
CA PRO A 19 -17.54 41.87 27.85
C PRO A 19 -18.06 43.14 28.51
N MET A 20 -17.54 44.27 28.06
CA MET A 20 -17.96 45.57 28.57
C MET A 20 -19.37 45.84 28.12
N CYS A 21 -19.64 45.56 26.84
CA CYS A 21 -20.97 45.78 26.25
C CYS A 21 -21.58 44.45 25.80
N ILE A 22 -22.91 44.36 25.81
CA ILE A 22 -23.59 43.14 25.38
C ILE A 22 -24.60 43.45 24.29
N TYR A 23 -25.09 42.42 23.61
CA TYR A 23 -26.04 42.63 22.51
C TYR A 23 -27.34 41.84 22.55
N ARG A 24 -28.42 42.54 22.24
CA ARG A 24 -29.73 41.95 22.23
C ARG A 24 -30.46 42.38 20.96
N SER A 25 -30.61 41.44 20.02
CA SER A 25 -31.27 41.72 18.74
C SER A 25 -32.79 41.61 18.86
N PRO A 26 -33.50 42.75 18.97
CA PRO A 26 -34.96 42.72 19.10
C PRO A 26 -35.69 41.67 18.26
N LYS A 39 -30.47 16.60 16.37
CA LYS A 39 -29.27 15.99 15.79
C LYS A 39 -28.08 16.27 16.70
N ILE A 40 -28.25 15.98 17.98
CA ILE A 40 -27.21 16.20 18.98
C ILE A 40 -26.25 15.01 19.04
N PRO A 41 -24.97 15.23 18.70
CA PRO A 41 -23.92 14.20 18.71
C PRO A 41 -23.51 13.80 20.12
N GLU A 42 -22.90 12.63 20.22
CA GLU A 42 -22.44 12.08 21.50
C GLU A 42 -21.53 13.09 22.22
N ALA A 43 -21.37 12.89 23.53
CA ALA A 43 -20.52 13.74 24.39
C ALA A 43 -20.06 15.06 23.74
N THR A 44 -21.00 15.96 23.46
CA THR A 44 -20.72 17.25 22.83
C THR A 44 -21.41 18.37 23.60
N ASN A 45 -20.69 19.45 23.88
CA ASN A 45 -21.27 20.57 24.60
C ASN A 45 -22.30 21.29 23.75
N ARG A 46 -23.54 21.32 24.25
CA ARG A 46 -24.64 21.99 23.56
C ARG A 46 -24.21 23.30 22.90
N ARG A 47 -23.61 24.19 23.68
CA ARG A 47 -23.16 25.48 23.17
C ARG A 47 -22.18 25.34 22.00
N VAL A 48 -21.02 24.74 22.27
CA VAL A 48 -19.97 24.55 21.27
C VAL A 48 -20.50 24.06 19.93
N TRP A 49 -21.63 23.36 19.99
CA TRP A 49 -22.26 22.82 18.80
C TRP A 49 -22.99 23.95 18.08
N GLU A 50 -23.74 24.71 18.87
CA GLU A 50 -24.51 25.83 18.38
C GLU A 50 -23.54 26.78 17.69
N LEU A 51 -22.58 27.28 18.46
CA LEU A 51 -21.58 28.21 17.94
C LEU A 51 -20.99 27.74 16.64
N SER A 52 -20.73 26.42 16.54
CA SER A 52 -20.14 25.79 15.36
C SER A 52 -21.01 25.86 14.11
N LYS A 53 -22.30 25.51 14.24
CA LYS A 53 -23.21 25.55 13.10
C LYS A 53 -23.30 26.99 12.59
N ALA A 54 -23.28 27.94 13.53
CA ALA A 54 -23.33 29.35 13.19
C ALA A 54 -22.14 29.74 12.28
N ASN A 55 -20.94 29.26 12.60
CA ASN A 55 -19.76 29.56 11.79
C ASN A 55 -19.91 29.01 10.39
N SER A 56 -20.49 27.83 10.26
CA SER A 56 -20.67 27.25 8.91
C SER A 56 -21.71 28.00 8.09
N ARG A 57 -22.52 28.84 8.73
CA ARG A 57 -23.52 29.62 8.00
C ARG A 57 -22.88 30.95 7.55
N PHE A 58 -21.78 31.33 8.18
CA PHE A 58 -21.06 32.56 7.85
C PHE A 58 -20.02 32.21 6.78
N ALA A 59 -19.35 31.10 7.00
CA ALA A 59 -18.33 30.64 6.08
C ALA A 59 -18.85 30.56 4.66
N THR A 60 -20.06 30.03 4.47
CA THR A 60 -20.55 29.94 3.10
C THR A 60 -20.87 31.29 2.49
N THR A 61 -21.49 32.17 3.27
CA THR A 61 -21.82 33.48 2.74
C THR A 61 -20.53 34.21 2.42
N PHE A 62 -19.62 34.28 3.39
CA PHE A 62 -18.35 34.97 3.21
C PHE A 62 -17.57 34.44 2.00
N TYR A 63 -17.64 33.13 1.80
CA TYR A 63 -16.96 32.53 0.65
C TYR A 63 -17.58 33.04 -0.68
N GLN A 64 -18.91 33.18 -0.72
CA GLN A 64 -19.58 33.67 -1.93
C GLN A 64 -19.09 35.06 -2.31
N HIS A 65 -19.16 36.00 -1.36
CA HIS A 65 -18.71 37.35 -1.63
C HIS A 65 -17.26 37.30 -2.06
N LEU A 66 -16.46 36.49 -1.38
CA LEU A 66 -15.06 36.43 -1.76
C LEU A 66 -14.99 36.01 -3.22
N ALA A 67 -15.55 34.84 -3.52
CA ALA A 67 -15.54 34.28 -4.89
C ALA A 67 -15.94 35.31 -5.92
N ASP A 68 -17.16 35.76 -5.79
CA ASP A 68 -17.76 36.77 -6.65
C ASP A 68 -16.78 37.88 -7.07
N SER A 69 -15.95 38.35 -6.15
CA SER A 69 -15.01 39.43 -6.42
C SER A 69 -13.71 39.02 -7.05
N LYS A 70 -13.45 37.72 -7.12
CA LYS A 70 -12.20 37.26 -7.70
C LYS A 70 -12.36 36.66 -9.09
N ASN A 71 -11.41 36.95 -9.96
CA ASN A 71 -11.44 36.42 -11.31
C ASN A 71 -11.66 34.90 -11.27
N ASP A 72 -12.17 34.32 -12.36
CA ASP A 72 -12.47 32.87 -12.39
C ASP A 72 -11.31 31.93 -12.58
N ASN A 73 -10.11 32.49 -12.69
CA ASN A 73 -8.91 31.69 -12.85
C ASN A 73 -8.08 31.71 -11.58
N ASP A 74 -8.43 32.61 -10.65
CA ASP A 74 -7.71 32.75 -9.39
C ASP A 74 -8.08 31.75 -8.29
N ASN A 75 -7.07 31.06 -7.77
CA ASN A 75 -7.31 30.09 -6.70
C ASN A 75 -7.74 30.82 -5.40
N ILE A 76 -8.32 30.07 -4.47
CA ILE A 76 -8.74 30.66 -3.20
C ILE A 76 -8.50 29.63 -2.10
N PHE A 77 -8.29 30.12 -0.88
CA PHE A 77 -8.12 29.25 0.28
C PHE A 77 -8.15 30.08 1.55
N LEU A 78 -8.95 29.64 2.51
CA LEU A 78 -9.03 30.38 3.74
C LEU A 78 -9.68 29.57 4.84
N SER A 79 -9.38 29.96 6.09
CA SER A 79 -9.96 29.31 7.24
C SER A 79 -11.04 30.25 7.80
N PRO A 80 -12.29 30.08 7.36
CA PRO A 80 -13.37 30.92 7.84
C PRO A 80 -13.47 30.87 9.34
N LEU A 81 -13.28 29.68 9.90
CA LEU A 81 -13.34 29.52 11.34
C LEU A 81 -12.34 30.45 11.99
N SER A 82 -11.20 30.62 11.31
CA SER A 82 -10.12 31.47 11.81
C SER A 82 -10.46 32.96 11.85
N ILE A 83 -11.14 33.43 10.83
CA ILE A 83 -11.51 34.83 10.78
C ILE A 83 -12.59 35.11 11.82
N SER A 84 -13.57 34.21 11.89
CA SER A 84 -14.69 34.33 12.83
C SER A 84 -14.17 34.55 14.27
N THR A 85 -13.17 33.76 14.64
CA THR A 85 -12.54 33.82 15.94
C THR A 85 -11.90 35.19 16.17
N ALA A 86 -11.07 35.60 15.21
CA ALA A 86 -10.39 36.87 15.30
C ALA A 86 -11.41 37.94 15.61
N PHE A 87 -12.27 38.26 14.66
CA PHE A 87 -13.26 39.29 14.95
C PHE A 87 -14.07 39.02 16.22
N ALA A 88 -14.32 37.75 16.53
CA ALA A 88 -15.06 37.40 17.73
C ALA A 88 -14.38 38.01 18.95
N MET A 89 -13.08 38.31 18.83
CA MET A 89 -12.36 38.94 19.94
C MET A 89 -12.89 40.36 20.08
N THR A 90 -12.40 41.27 19.23
CA THR A 90 -12.84 42.68 19.27
C THR A 90 -14.29 42.83 19.73
N LYS A 91 -15.18 41.94 19.30
CA LYS A 91 -16.57 42.01 19.72
C LYS A 91 -16.61 41.74 21.22
N LEU A 92 -15.52 42.10 21.90
CA LEU A 92 -15.34 41.93 23.34
C LEU A 92 -15.15 43.32 23.97
N GLY A 93 -14.72 44.25 23.14
CA GLY A 93 -14.50 45.62 23.55
C GLY A 93 -15.35 46.54 22.70
N ALA A 94 -16.12 45.93 21.79
CA ALA A 94 -17.00 46.66 20.89
C ALA A 94 -18.27 47.12 21.61
N CYS A 95 -18.90 48.16 21.05
CA CYS A 95 -20.10 48.72 21.64
C CYS A 95 -20.87 49.51 20.58
N ASN A 96 -22.18 49.58 20.73
CA ASN A 96 -23.01 50.37 19.81
C ASN A 96 -23.08 49.84 18.36
N ASP A 97 -23.14 50.76 17.40
CA ASP A 97 -23.22 50.42 15.98
C ASP A 97 -22.10 49.46 15.62
N THR A 98 -20.92 49.71 16.16
CA THR A 98 -19.80 48.84 15.87
C THR A 98 -20.12 47.43 16.35
N LEU A 99 -20.77 47.32 17.50
CA LEU A 99 -21.12 45.99 18.00
C LEU A 99 -22.24 45.36 17.17
N GLN A 100 -23.23 46.16 16.79
CA GLN A 100 -24.36 45.64 16.01
C GLN A 100 -23.93 45.02 14.68
N GLN A 101 -23.13 45.78 13.92
CA GLN A 101 -22.63 45.31 12.64
C GLN A 101 -21.78 44.06 12.81
N LEU A 102 -20.91 44.03 13.81
CA LEU A 102 -20.09 42.85 14.04
C LEU A 102 -21.00 41.63 14.27
N MET A 103 -21.91 41.78 15.24
CA MET A 103 -22.88 40.76 15.61
C MET A 103 -23.70 40.27 14.42
N GLU A 104 -24.34 41.20 13.71
CA GLU A 104 -25.17 40.83 12.55
C GLU A 104 -24.34 40.16 11.45
N VAL A 105 -23.24 40.77 11.04
CA VAL A 105 -22.43 40.16 9.99
C VAL A 105 -21.99 38.70 10.23
N PHE A 106 -21.22 38.45 11.29
CA PHE A 106 -20.72 37.08 11.57
C PHE A 106 -21.71 36.03 12.04
N LYS A 107 -23.00 36.35 11.99
CA LYS A 107 -24.06 35.44 12.41
C LYS A 107 -24.02 35.14 13.91
N PHE A 108 -23.28 35.95 14.65
CA PHE A 108 -23.17 35.78 16.11
C PHE A 108 -24.52 36.00 16.79
N ASP A 109 -25.41 36.72 16.11
CA ASP A 109 -26.72 36.99 16.66
C ASP A 109 -27.69 35.81 16.55
N THR A 110 -27.41 34.84 15.69
CA THR A 110 -28.33 33.72 15.59
C THR A 110 -27.95 32.56 16.50
N ILE A 111 -27.65 32.87 17.76
CA ILE A 111 -27.30 31.85 18.75
C ILE A 111 -27.78 32.29 20.12
N SER A 112 -27.88 31.34 21.04
CA SER A 112 -28.36 31.63 22.39
C SER A 112 -27.71 32.86 23.01
N GLU A 113 -28.35 33.42 24.04
CA GLU A 113 -27.86 34.60 24.76
C GLU A 113 -26.55 34.35 25.52
N LYS A 114 -26.51 33.23 26.22
CA LYS A 114 -25.34 32.85 27.02
C LYS A 114 -24.09 32.65 26.13
N THR A 115 -24.24 31.77 25.15
CA THR A 115 -23.16 31.47 24.23
C THR A 115 -22.67 32.74 23.54
N SER A 116 -23.58 33.68 23.33
CA SER A 116 -23.26 34.94 22.68
C SER A 116 -22.47 35.90 23.58
N ASP A 117 -22.84 35.96 24.86
CA ASP A 117 -22.12 36.84 25.77
C ASP A 117 -20.69 36.35 25.92
N GLN A 118 -20.54 35.06 26.25
CA GLN A 118 -19.22 34.43 26.41
C GLN A 118 -18.86 33.75 25.08
N ILE A 119 -19.05 34.47 23.98
CA ILE A 119 -18.76 33.94 22.65
C ILE A 119 -17.29 33.58 22.55
N HIS A 120 -16.42 34.53 22.86
CA HIS A 120 -14.98 34.32 22.81
C HIS A 120 -14.53 33.07 23.54
N PHE A 121 -15.21 32.76 24.63
CA PHE A 121 -14.87 31.60 25.42
C PHE A 121 -15.22 30.30 24.69
N PHE A 122 -16.49 30.14 24.33
CA PHE A 122 -16.92 28.93 23.63
C PHE A 122 -16.10 28.70 22.37
N PHE A 123 -15.60 29.78 21.78
CA PHE A 123 -14.78 29.62 20.60
C PHE A 123 -13.51 28.90 21.01
N ALA A 124 -12.87 29.36 22.06
CA ALA A 124 -11.65 28.71 22.52
C ALA A 124 -11.99 27.25 22.81
N LYS A 125 -13.15 27.04 23.41
CA LYS A 125 -13.57 25.69 23.73
C LYS A 125 -13.68 24.88 22.44
N LEU A 126 -14.27 25.46 21.40
CA LEU A 126 -14.41 24.74 20.14
C LEU A 126 -13.05 24.46 19.51
N ASN A 127 -12.06 25.27 19.82
CA ASN A 127 -10.72 25.05 19.26
C ASN A 127 -10.05 23.87 19.95
N CYS A 128 -9.97 23.93 21.28
CA CYS A 128 -9.34 22.86 22.04
C CYS A 128 -9.72 21.50 21.48
N ARG A 129 -10.98 21.35 21.07
CA ARG A 129 -11.44 20.09 20.52
C ARG A 129 -10.95 19.88 19.08
N LEU A 130 -11.31 20.80 18.19
CA LEU A 130 -10.89 20.68 16.80
C LEU A 130 -9.40 20.43 16.72
N TYR A 131 -8.69 20.77 17.80
CA TYR A 131 -7.24 20.57 17.83
C TYR A 131 -6.89 19.29 18.58
N ARG A 132 -7.75 18.87 19.50
CA ARG A 132 -7.50 17.64 20.25
C ARG A 132 -7.57 16.44 19.32
N LYS A 133 -7.71 16.72 18.03
CA LYS A 133 -7.78 15.78 16.89
C LYS A 133 -6.35 15.32 16.58
N ALA A 134 -5.72 14.83 17.63
CA ALA A 134 -4.35 14.32 17.55
C ALA A 134 -3.51 15.25 16.77
N SER A 137 -1.44 12.66 16.09
CA SER A 137 -1.50 12.48 14.64
C SER A 137 -1.18 13.79 13.92
N SER A 138 -1.75 13.96 12.73
CA SER A 138 -1.53 15.17 11.93
C SER A 138 -1.70 16.45 12.78
N LYS A 139 -0.73 17.37 12.68
CA LYS A 139 -0.79 18.63 13.43
C LYS A 139 -1.36 19.83 12.67
N LEU A 140 -2.10 20.67 13.39
CA LEU A 140 -2.75 21.87 12.84
C LEU A 140 -2.19 23.16 13.48
N VAL A 141 -1.13 23.70 12.90
CA VAL A 141 -0.48 24.91 13.41
C VAL A 141 -1.19 26.21 13.04
N SER A 142 -1.14 27.18 13.94
CA SER A 142 -1.76 28.48 13.75
C SER A 142 -0.96 29.58 14.43
N ALA A 143 -1.16 30.83 14.02
CA ALA A 143 -0.44 31.97 14.61
C ALA A 143 -1.27 33.28 14.63
N ASN A 144 -2.00 33.51 15.72
CA ASN A 144 -2.85 34.72 15.85
C ASN A 144 -2.45 35.70 16.95
N ARG A 145 -2.61 36.98 16.66
CA ARG A 145 -2.29 38.02 17.62
C ARG A 145 -2.78 39.39 17.16
N LEU A 146 -3.13 40.25 18.11
CA LEU A 146 -3.55 41.60 17.78
C LEU A 146 -2.37 42.50 18.11
N PHE A 147 -1.99 43.35 17.18
CA PHE A 147 -0.87 44.26 17.43
C PHE A 147 -1.37 45.68 17.56
N GLY A 148 -1.17 46.23 18.76
CA GLY A 148 -1.59 47.58 19.05
C GLY A 148 -0.39 48.50 19.28
N ASP A 149 -0.61 49.79 19.12
CA ASP A 149 0.44 50.79 19.31
C ASP A 149 0.63 51.17 20.77
N LYS A 150 1.91 51.11 21.20
CA LYS A 150 2.34 51.43 22.56
C LYS A 150 1.81 52.76 23.10
N SER A 151 1.63 53.74 22.24
CA SER A 151 1.13 55.03 22.69
C SER A 151 -0.01 54.85 23.71
N LEU A 152 -1.05 54.10 23.34
CA LEU A 152 -2.21 53.86 24.19
C LEU A 152 -2.02 52.81 25.30
N THR A 153 -2.97 52.76 26.24
CA THR A 153 -2.92 51.83 27.35
C THR A 153 -4.16 50.92 27.26
N PHE A 154 -3.95 49.63 27.34
CA PHE A 154 -5.03 48.67 27.20
C PHE A 154 -5.55 48.06 28.50
N ASN A 155 -6.82 47.64 28.52
CA ASN A 155 -7.41 46.99 29.70
C ASN A 155 -6.58 45.80 30.06
N GLU A 156 -6.19 45.73 31.32
CA GLU A 156 -5.39 44.63 31.83
C GLU A 156 -6.16 43.32 31.95
N THR A 157 -7.48 43.42 31.93
CA THR A 157 -8.35 42.25 32.02
C THR A 157 -8.68 41.77 30.60
N TYR A 158 -8.83 42.72 29.68
CA TYR A 158 -9.08 42.34 28.30
C TYR A 158 -7.91 41.44 27.97
N GLN A 159 -6.71 41.94 28.25
CA GLN A 159 -5.46 41.23 28.00
C GLN A 159 -5.44 39.83 28.61
N ASP A 160 -5.92 39.71 29.84
CA ASP A 160 -5.94 38.41 30.51
C ASP A 160 -6.89 37.41 29.88
N ILE A 161 -8.14 37.83 29.67
CA ILE A 161 -9.14 36.97 29.05
C ILE A 161 -8.65 36.60 27.64
N SER A 162 -7.73 37.42 27.10
CA SER A 162 -7.16 37.19 25.79
C SER A 162 -6.09 36.11 25.92
N GLU A 163 -5.06 36.37 26.71
CA GLU A 163 -4.00 35.39 26.90
C GLU A 163 -4.60 34.08 27.37
N LEU A 164 -5.76 34.19 28.02
CA LEU A 164 -6.44 33.01 28.55
C LEU A 164 -7.37 32.32 27.56
N VAL A 165 -7.80 33.03 26.52
CA VAL A 165 -8.73 32.42 25.56
C VAL A 165 -8.32 32.56 24.09
N TYR A 166 -7.67 33.67 23.76
CA TYR A 166 -7.24 33.87 22.38
C TYR A 166 -5.74 33.61 22.21
N GLY A 167 -5.22 32.65 22.96
CA GLY A 167 -3.82 32.32 22.86
C GLY A 167 -2.82 33.33 23.41
N ALA A 168 -3.10 34.63 23.31
CA ALA A 168 -2.17 35.65 23.80
C ALA A 168 -2.81 37.00 24.15
N LYS A 169 -1.95 38.02 24.26
CA LYS A 169 -2.37 39.38 24.58
C LYS A 169 -1.96 40.34 23.47
N LEU A 170 -2.80 41.33 23.18
CA LEU A 170 -2.50 42.31 22.16
C LEU A 170 -1.09 42.81 22.42
N GLN A 171 -0.17 42.49 21.53
CA GLN A 171 1.22 42.91 21.66
C GLN A 171 1.41 44.38 21.21
N PRO A 172 1.81 45.27 22.13
CA PRO A 172 2.01 46.68 21.75
C PRO A 172 3.10 46.78 20.68
N LEU A 173 3.17 47.91 19.99
CA LEU A 173 4.17 48.05 18.94
C LEU A 173 4.72 49.45 18.72
N ASP A 174 4.02 50.27 17.95
CA ASP A 174 4.45 51.64 17.64
C ASP A 174 3.56 52.29 16.59
N ALA A 179 8.84 52.75 12.58
CA ALA A 179 7.72 51.89 12.89
C ALA A 179 7.64 50.70 11.93
N GLU A 180 8.68 50.51 11.12
CA GLU A 180 8.65 49.39 10.20
C GLU A 180 9.43 48.21 10.75
N GLN A 181 10.22 48.41 11.79
CA GLN A 181 10.90 47.23 12.34
C GLN A 181 9.71 46.45 12.89
N SER A 182 8.54 47.09 12.83
CA SER A 182 7.28 46.53 13.26
C SER A 182 6.88 45.45 12.26
N ARG A 183 6.81 45.81 10.97
CA ARG A 183 6.47 44.86 9.92
C ARG A 183 7.38 43.68 10.19
N ALA A 184 8.60 43.96 10.65
CA ALA A 184 9.57 42.93 10.98
C ALA A 184 9.02 42.16 12.17
N ALA A 185 8.71 42.88 13.24
CA ALA A 185 8.16 42.29 14.47
C ALA A 185 7.01 41.32 14.11
N ILE A 186 6.03 41.83 13.38
CA ILE A 186 4.93 41.00 12.95
C ILE A 186 5.47 39.86 12.08
N ASN A 187 5.52 40.07 10.77
CA ASN A 187 5.99 39.06 9.80
C ASN A 187 7.01 38.10 10.41
N LYS A 188 7.92 38.64 11.22
CA LYS A 188 8.96 37.84 11.86
C LYS A 188 8.43 37.13 13.09
N TRP A 189 7.28 37.57 13.59
CA TRP A 189 6.68 36.93 14.74
C TRP A 189 6.03 35.65 14.25
N VAL A 190 5.40 35.76 13.09
CA VAL A 190 4.73 34.64 12.43
C VAL A 190 5.80 33.68 11.95
N SER A 191 6.93 34.21 11.50
CA SER A 191 8.03 33.37 11.04
C SER A 191 8.31 32.36 12.15
N ASN A 192 8.58 32.87 13.34
CA ASN A 192 8.87 32.02 14.48
C ASN A 192 7.87 30.86 14.65
N LYS A 193 6.59 31.19 14.78
CA LYS A 193 5.52 30.20 14.98
C LYS A 193 5.24 29.29 13.78
N THR A 194 5.07 29.88 12.59
CA THR A 194 4.82 29.08 11.39
C THR A 194 6.12 28.50 10.85
N GLU A 195 7.19 28.62 11.62
CA GLU A 195 8.50 28.11 11.23
C GLU A 195 8.75 28.24 9.71
N GLY A 196 8.78 29.48 9.24
CA GLY A 196 9.01 29.72 7.84
C GLY A 196 7.81 29.53 6.93
N ARG A 197 6.99 28.51 7.20
CA ARG A 197 5.81 28.23 6.39
C ARG A 197 5.12 29.54 6.01
N ILE A 198 4.69 30.32 7.00
CA ILE A 198 4.03 31.60 6.72
C ILE A 198 5.01 32.73 7.00
N THR A 199 5.26 33.56 5.99
CA THR A 199 6.17 34.69 6.16
C THR A 199 5.62 35.91 5.47
N ASP A 200 6.34 37.03 5.62
CA ASP A 200 5.93 38.29 5.02
C ASP A 200 4.42 38.33 4.92
N VAL A 201 3.79 38.28 6.09
CA VAL A 201 2.33 38.29 6.22
C VAL A 201 1.76 39.60 5.65
N ILE A 202 2.20 40.71 6.25
CA ILE A 202 1.78 42.04 5.83
C ILE A 202 2.79 42.57 4.83
N PRO A 203 2.32 43.37 3.85
CA PRO A 203 3.15 43.97 2.81
C PRO A 203 3.97 45.15 3.39
N SER A 204 4.73 45.84 2.56
CA SER A 204 5.54 46.98 3.03
C SER A 204 4.81 48.30 2.92
N GLU A 205 3.48 48.26 2.83
CA GLU A 205 2.65 49.46 2.70
C GLU A 205 1.32 49.37 3.47
N ALA A 206 1.33 48.75 4.64
CA ALA A 206 0.12 48.61 5.45
C ALA A 206 0.15 49.56 6.65
N ILE A 207 1.33 49.68 7.25
CA ILE A 207 1.53 50.55 8.39
C ILE A 207 1.93 51.96 7.94
N ASN A 208 1.66 52.97 8.76
CA ASN A 208 2.00 54.35 8.43
C ASN A 208 1.66 55.34 9.57
N GLU A 209 1.50 56.61 9.20
CA GLU A 209 1.16 57.64 10.17
C GLU A 209 -0.27 57.41 10.67
N LEU A 210 -0.83 56.27 10.30
CA LEU A 210 -2.18 55.92 10.70
C LEU A 210 -2.25 54.46 11.14
N THR A 211 -1.10 53.89 11.49
CA THR A 211 -1.08 52.50 11.95
C THR A 211 -1.58 52.46 13.39
N VAL A 212 -2.90 52.29 13.54
CA VAL A 212 -3.52 52.24 14.86
C VAL A 212 -3.56 50.81 15.39
N LEU A 213 -4.59 50.07 15.00
CA LEU A 213 -4.75 48.68 15.46
C LEU A 213 -4.90 47.66 14.31
N VAL A 214 -4.07 46.62 14.33
CA VAL A 214 -4.16 45.63 13.27
C VAL A 214 -4.29 44.18 13.75
N LEU A 215 -5.13 43.44 13.03
CA LEU A 215 -5.40 42.04 13.29
C LEU A 215 -4.55 41.20 12.36
N VAL A 216 -3.99 40.13 12.90
CA VAL A 216 -3.15 39.26 12.10
C VAL A 216 -3.49 37.81 12.43
N ASN A 217 -4.08 37.09 11.48
CA ASN A 217 -4.38 35.67 11.72
C ASN A 217 -3.96 34.80 10.55
N THR A 218 -3.13 33.82 10.86
CA THR A 218 -2.63 32.92 9.84
C THR A 218 -2.77 31.46 10.30
N ILE A 219 -2.88 30.57 9.31
CA ILE A 219 -3.04 29.16 9.59
C ILE A 219 -2.68 28.33 8.36
N TYR A 220 -2.46 27.03 8.60
CA TYR A 220 -2.17 26.07 7.56
C TYR A 220 -2.26 24.70 8.25
N PHE A 221 -2.60 23.66 7.49
CA PHE A 221 -2.80 22.31 8.03
C PHE A 221 -1.73 21.28 7.68
N LYS A 222 -1.41 20.43 8.64
CA LYS A 222 -0.42 19.37 8.45
C LYS A 222 -1.01 17.97 8.70
N GLY A 223 -1.13 17.15 7.66
CA GLY A 223 -1.69 15.81 7.84
C GLY A 223 -1.45 14.79 6.73
N LEU A 224 -1.62 13.51 7.06
CA LEU A 224 -1.42 12.43 6.09
C LEU A 224 -2.74 11.84 5.62
N TRP A 225 -2.79 11.31 4.40
CA TRP A 225 -3.99 10.68 3.87
C TRP A 225 -4.15 9.30 4.51
N LYS A 226 -5.36 8.99 4.98
CA LYS A 226 -5.62 7.69 5.55
C LYS A 226 -5.12 6.71 4.49
N SER A 227 -5.70 6.82 3.30
CA SER A 227 -5.31 5.99 2.17
C SER A 227 -4.49 6.81 1.16
N LYS A 228 -3.17 6.60 1.18
CA LYS A 228 -2.21 7.31 0.31
C LYS A 228 -2.29 7.09 -1.23
N PHE A 229 -1.58 7.96 -1.95
CA PHE A 229 -1.43 7.93 -3.41
C PHE A 229 0.01 7.43 -3.59
N SER A 230 0.33 6.84 -4.74
CA SER A 230 1.67 6.32 -5.01
C SER A 230 2.38 7.10 -6.13
N PRO A 231 3.44 7.86 -5.79
CA PRO A 231 4.23 8.68 -6.73
C PRO A 231 4.51 7.99 -8.06
N GLU A 232 4.72 6.68 -8.01
CA GLU A 232 5.01 5.90 -9.20
C GLU A 232 3.74 5.72 -10.03
N ASN A 233 2.78 6.60 -9.85
CA ASN A 233 1.54 6.48 -10.61
C ASN A 233 1.04 7.86 -11.03
N THR A 234 1.89 8.86 -10.84
CA THR A 234 1.52 10.21 -11.20
C THR A 234 1.90 10.53 -12.63
N ARG A 235 0.89 10.63 -13.50
CA ARG A 235 1.09 10.94 -14.90
C ARG A 235 1.31 12.45 -15.10
N LYS A 236 0.94 12.97 -16.27
CA LYS A 236 1.13 14.40 -16.56
C LYS A 236 -0.01 15.02 -17.37
N GLU A 237 -1.25 14.71 -17.01
CA GLU A 237 -2.44 15.21 -17.70
C GLU A 237 -2.56 16.72 -17.96
N LEU A 238 -3.66 17.08 -18.62
CA LEU A 238 -3.99 18.48 -18.96
C LEU A 238 -5.15 18.97 -18.09
N PHE A 239 -5.06 20.24 -17.68
CA PHE A 239 -6.06 20.90 -16.83
C PHE A 239 -6.72 22.04 -17.63
N TYR A 240 -8.05 22.06 -17.68
CA TYR A 240 -8.81 23.08 -18.42
C TYR A 240 -9.24 24.28 -17.56
N LYS A 241 -8.51 25.39 -17.71
CA LYS A 241 -8.75 26.63 -16.97
C LYS A 241 -9.93 27.45 -17.49
N ALA A 242 -10.52 28.22 -16.58
CA ALA A 242 -11.70 29.07 -16.82
C ALA A 242 -11.83 29.90 -18.09
N ASP A 243 -10.72 30.42 -18.61
CA ASP A 243 -10.78 31.25 -19.82
C ASP A 243 -11.05 30.48 -21.12
N GLY A 244 -10.45 29.29 -21.25
CA GLY A 244 -10.65 28.48 -22.43
C GLY A 244 -9.44 27.63 -22.80
N GLU A 245 -8.29 28.01 -22.25
CA GLU A 245 -7.05 27.29 -22.51
C GLU A 245 -6.93 26.07 -21.62
N SER A 246 -5.77 25.45 -21.65
CA SER A 246 -5.50 24.27 -20.87
C SER A 246 -4.00 24.21 -20.60
N CYS A 247 -3.61 23.50 -19.54
CA CYS A 247 -2.21 23.37 -19.22
C CYS A 247 -1.81 22.05 -18.54
N SER A 248 -0.51 21.87 -18.34
CA SER A 248 0.01 20.65 -17.73
C SER A 248 -0.03 20.62 -16.21
N ALA A 249 -0.57 19.52 -15.70
CA ALA A 249 -0.71 19.31 -14.27
C ALA A 249 -0.23 17.93 -13.86
N SER A 250 0.22 17.81 -12.62
CA SER A 250 0.69 16.53 -12.10
C SER A 250 -0.53 15.78 -11.57
N MET A 251 -1.10 14.91 -12.39
CA MET A 251 -2.28 14.15 -12.00
C MET A 251 -2.01 12.86 -11.22
N MET A 252 -2.40 12.84 -9.95
CA MET A 252 -2.23 11.66 -9.10
C MET A 252 -3.31 10.64 -9.41
N TYR A 253 -3.06 9.38 -9.07
CA TYR A 253 -3.99 8.29 -9.35
C TYR A 253 -4.16 7.31 -8.19
N GLN A 254 -5.32 6.67 -8.10
CA GLN A 254 -5.54 5.71 -7.02
C GLN A 254 -6.85 4.91 -7.13
N GLU A 255 -6.77 3.64 -6.77
CA GLU A 255 -7.91 2.74 -6.79
C GLU A 255 -8.26 2.38 -5.36
N GLY A 256 -9.53 2.51 -5.00
CA GLY A 256 -9.91 2.18 -3.64
C GLY A 256 -11.31 2.57 -3.23
N LYS A 257 -11.61 2.29 -1.96
CA LYS A 257 -12.92 2.60 -1.40
C LYS A 257 -12.96 4.07 -0.98
N PHE A 258 -14.12 4.69 -1.18
CA PHE A 258 -14.30 6.08 -0.87
C PHE A 258 -15.76 6.49 -0.72
N ARG A 259 -15.98 7.53 0.09
CA ARG A 259 -17.31 8.10 0.31
C ARG A 259 -17.57 9.08 -0.85
N TYR A 260 -18.39 8.65 -1.81
CA TYR A 260 -18.68 9.44 -2.99
C TYR A 260 -20.19 9.53 -3.21
N ARG A 261 -20.63 10.35 -4.16
CA ARG A 261 -22.05 10.50 -4.45
C ARG A 261 -22.37 11.50 -5.56
N ARG A 262 -23.14 11.06 -6.55
CA ARG A 262 -23.56 11.92 -7.65
C ARG A 262 -24.79 12.68 -7.13
N VAL A 263 -24.57 13.90 -6.68
CA VAL A 263 -25.65 14.73 -6.14
C VAL A 263 -26.48 15.41 -7.25
N ALA A 264 -27.41 16.25 -6.81
CA ALA A 264 -28.29 16.99 -7.70
C ALA A 264 -27.60 17.73 -8.87
N GLU A 265 -28.16 17.57 -10.07
CA GLU A 265 -27.66 18.20 -11.30
C GLU A 265 -26.35 17.64 -11.82
N GLY A 266 -25.88 16.55 -11.23
CA GLY A 266 -24.63 15.98 -11.69
C GLY A 266 -23.44 16.21 -10.79
N THR A 267 -23.29 17.44 -10.31
CA THR A 267 -22.21 17.81 -9.41
C THR A 267 -21.75 16.57 -8.67
N GLN A 268 -20.46 16.30 -8.72
CA GLN A 268 -19.87 15.13 -8.07
C GLN A 268 -19.24 15.50 -6.77
N VAL A 269 -19.54 14.76 -5.71
CA VAL A 269 -18.95 15.03 -4.41
C VAL A 269 -18.09 13.82 -4.03
N LEU A 270 -16.90 14.07 -3.49
CA LEU A 270 -15.98 13.00 -3.10
C LEU A 270 -15.24 13.36 -1.84
N GLU A 271 -15.21 12.44 -0.88
CA GLU A 271 -14.51 12.68 0.37
C GLU A 271 -13.26 11.85 0.62
N LEU A 272 -12.12 12.52 0.73
CA LEU A 272 -10.86 11.84 1.01
C LEU A 272 -10.49 12.10 2.45
N PRO A 273 -10.55 11.09 3.33
CA PRO A 273 -10.20 11.33 4.72
C PRO A 273 -8.71 11.23 5.04
N PHE A 274 -8.29 11.90 6.11
CA PHE A 274 -6.92 11.86 6.58
C PHE A 274 -6.86 10.78 7.66
N LYS A 275 -5.67 10.34 8.06
CA LYS A 275 -5.55 9.30 9.08
C LYS A 275 -6.22 9.72 10.41
N GLY A 276 -6.97 8.82 11.02
CA GLY A 276 -7.65 9.17 12.27
C GLY A 276 -9.15 9.26 12.11
N ASP A 277 -9.60 9.55 10.89
CA ASP A 277 -11.01 9.65 10.57
C ASP A 277 -11.78 10.75 11.32
N ASP A 278 -11.14 11.89 11.58
CA ASP A 278 -11.82 12.97 12.27
C ASP A 278 -11.66 14.30 11.55
N ILE A 279 -10.94 14.24 10.43
CA ILE A 279 -10.67 15.40 9.58
C ILE A 279 -10.64 14.85 8.15
N THR A 280 -11.34 15.51 7.23
CA THR A 280 -11.35 15.04 5.86
C THR A 280 -11.46 16.18 4.85
N MET A 281 -11.03 15.90 3.62
CA MET A 281 -11.07 16.88 2.54
C MET A 281 -12.15 16.52 1.53
N VAL A 282 -13.24 17.29 1.53
CA VAL A 282 -14.34 17.06 0.61
C VAL A 282 -14.14 17.85 -0.67
N LEU A 283 -14.15 17.16 -1.80
CA LEU A 283 -13.96 17.83 -3.07
C LEU A 283 -15.33 17.97 -3.71
N ILE A 284 -15.53 19.01 -4.50
CA ILE A 284 -16.81 19.20 -5.16
C ILE A 284 -16.63 19.68 -6.59
N LEU A 285 -16.76 18.74 -7.51
CA LEU A 285 -16.59 18.98 -8.93
C LEU A 285 -17.91 19.05 -9.68
N PRO A 286 -18.16 20.16 -10.36
CA PRO A 286 -19.38 20.34 -11.13
C PRO A 286 -19.24 19.62 -12.47
N LYS A 287 -20.34 19.52 -13.21
CA LYS A 287 -20.30 18.86 -14.51
C LYS A 287 -19.39 19.70 -15.41
N PRO A 288 -19.16 19.25 -16.66
CA PRO A 288 -18.30 20.02 -17.58
C PRO A 288 -19.00 21.27 -18.12
N GLU A 289 -20.31 21.17 -18.31
CA GLU A 289 -21.13 22.28 -18.83
C GLU A 289 -21.44 23.39 -17.82
N LYS A 290 -21.66 23.00 -16.56
CA LYS A 290 -22.00 23.94 -15.49
C LYS A 290 -20.71 24.48 -14.86
N SER A 291 -20.51 25.80 -14.97
CA SER A 291 -19.30 26.41 -14.43
C SER A 291 -19.25 26.34 -12.90
N LEU A 292 -18.03 26.29 -12.36
CA LEU A 292 -17.85 26.21 -10.92
C LEU A 292 -18.53 27.38 -10.27
N ALA A 293 -18.59 28.48 -11.01
CA ALA A 293 -19.20 29.72 -10.53
C ALA A 293 -20.68 29.53 -10.23
N LYS A 294 -21.33 28.67 -11.01
CA LYS A 294 -22.73 28.38 -10.82
C LYS A 294 -22.93 27.62 -9.50
N VAL A 295 -22.05 26.66 -9.22
CA VAL A 295 -22.11 25.87 -7.99
C VAL A 295 -21.89 26.75 -6.78
N GLU A 296 -20.97 27.70 -6.91
CA GLU A 296 -20.66 28.61 -5.82
C GLU A 296 -21.91 29.41 -5.41
N LYS A 297 -22.71 29.83 -6.38
CA LYS A 297 -23.91 30.62 -6.08
C LYS A 297 -25.06 29.84 -5.42
N GLU A 298 -24.83 28.57 -5.08
CA GLU A 298 -25.88 27.74 -4.46
C GLU A 298 -25.51 27.17 -3.09
N LEU A 299 -24.26 27.34 -2.68
CA LEU A 299 -23.81 26.85 -1.40
C LEU A 299 -24.64 27.49 -0.31
N THR A 300 -25.13 26.66 0.59
CA THR A 300 -25.94 27.08 1.74
C THR A 300 -25.82 25.89 2.69
N PRO A 301 -25.66 26.15 3.99
CA PRO A 301 -25.53 25.08 4.98
C PRO A 301 -26.35 23.82 4.70
N GLU A 302 -27.67 24.01 4.53
CA GLU A 302 -28.60 22.91 4.29
C GLU A 302 -28.21 22.07 3.08
N VAL A 303 -27.95 22.72 1.96
CA VAL A 303 -27.56 22.00 0.77
C VAL A 303 -26.17 21.36 0.93
N LEU A 304 -25.33 21.95 1.78
CA LEU A 304 -24.00 21.39 1.97
C LEU A 304 -24.05 20.13 2.81
N GLN A 305 -24.72 20.17 3.95
CA GLN A 305 -24.73 18.97 4.77
C GLN A 305 -25.40 17.87 3.98
N GLU A 306 -26.59 18.17 3.44
CA GLU A 306 -27.39 17.22 2.65
C GLU A 306 -26.58 16.40 1.66
N TRP A 307 -25.62 17.05 1.00
CA TRP A 307 -24.73 16.38 0.06
C TRP A 307 -23.88 15.43 0.88
N LEU A 308 -23.40 15.92 2.02
CA LEU A 308 -22.57 15.14 2.92
C LEU A 308 -23.35 14.00 3.60
N ASP A 309 -24.64 13.88 3.28
CA ASP A 309 -25.49 12.82 3.85
C ASP A 309 -25.79 11.74 2.83
N GLU A 310 -25.84 12.12 1.57
CA GLU A 310 -26.12 11.17 0.52
C GLU A 310 -24.86 10.36 0.17
N LEU A 311 -23.72 10.69 0.78
CA LEU A 311 -22.47 9.96 0.50
C LEU A 311 -22.57 8.49 0.90
N GLU A 312 -22.03 7.61 0.06
CA GLU A 312 -22.05 6.16 0.31
C GLU A 312 -20.73 5.55 -0.19
N GLU A 313 -20.23 4.49 0.47
CA GLU A 313 -18.98 3.88 0.03
C GLU A 313 -19.07 3.09 -1.28
N MET A 314 -18.00 3.15 -2.06
CA MET A 314 -17.94 2.47 -3.35
C MET A 314 -16.48 2.21 -3.69
N MET A 315 -16.27 1.56 -4.84
CA MET A 315 -14.93 1.29 -5.33
C MET A 315 -14.77 2.03 -6.66
N LEU A 316 -14.22 3.23 -6.58
CA LEU A 316 -14.01 4.08 -7.73
C LEU A 316 -12.54 4.39 -7.92
N VAL A 317 -12.21 4.90 -9.09
CA VAL A 317 -10.84 5.29 -9.38
C VAL A 317 -10.81 6.75 -8.92
N VAL A 318 -9.64 7.39 -8.83
CA VAL A 318 -9.57 8.78 -8.42
C VAL A 318 -8.37 9.48 -9.03
N HIS A 319 -8.65 10.52 -9.82
CA HIS A 319 -7.62 11.33 -10.48
C HIS A 319 -7.70 12.70 -9.82
N MET A 320 -6.56 13.27 -9.45
CA MET A 320 -6.56 14.58 -8.80
C MET A 320 -5.20 15.25 -8.87
N PRO A 321 -5.14 16.45 -9.43
CA PRO A 321 -3.89 17.21 -9.58
C PRO A 321 -3.30 17.63 -8.26
N ARG A 322 -1.99 17.80 -8.22
CA ARG A 322 -1.34 18.26 -7.00
C ARG A 322 -1.60 19.76 -7.02
N PHE A 323 -1.25 20.44 -5.94
CA PHE A 323 -1.42 21.89 -5.90
C PHE A 323 -0.95 22.46 -4.58
N ARG A 324 -0.47 23.71 -4.65
CA ARG A 324 -0.02 24.43 -3.48
C ARG A 324 -0.84 25.70 -3.58
N ILE A 325 -1.34 26.19 -2.47
CA ILE A 325 -2.15 27.38 -2.51
C ILE A 325 -1.87 28.24 -1.30
N GLU A 326 -1.48 29.49 -1.56
CA GLU A 326 -1.15 30.44 -0.51
C GLU A 326 -1.94 31.72 -0.75
N ASP A 327 -3.03 31.89 -0.02
CA ASP A 327 -3.86 33.07 -0.16
C ASP A 327 -3.56 34.12 0.92
N GLY A 328 -3.42 35.37 0.51
CA GLY A 328 -3.15 36.44 1.46
C GLY A 328 -3.89 37.71 1.09
N PHE A 329 -4.81 38.17 1.94
CA PHE A 329 -5.59 39.36 1.62
C PHE A 329 -6.16 40.13 2.82
N SER A 330 -6.67 41.32 2.51
CA SER A 330 -7.29 42.21 3.49
C SER A 330 -8.76 41.86 3.52
N LEU A 331 -9.28 41.68 4.72
CA LEU A 331 -10.67 41.34 4.87
C LEU A 331 -11.48 42.62 4.76
N LYS A 332 -10.81 43.75 5.00
CA LYS A 332 -11.44 45.07 4.96
C LYS A 332 -12.42 45.33 3.81
N GLU A 333 -11.92 45.49 2.60
CA GLU A 333 -12.78 45.75 1.43
C GLU A 333 -13.93 44.75 1.34
N GLN A 334 -13.66 43.47 1.61
CA GLN A 334 -14.71 42.45 1.53
C GLN A 334 -15.77 42.48 2.63
N LEU A 335 -15.33 42.78 3.85
CA LEU A 335 -16.25 42.83 4.97
C LEU A 335 -17.10 44.09 4.86
N GLN A 336 -16.44 45.22 4.61
CA GLN A 336 -17.16 46.49 4.49
C GLN A 336 -18.18 46.34 3.38
N ASP A 337 -17.77 45.74 2.28
CA ASP A 337 -18.69 45.54 1.18
C ASP A 337 -19.87 44.73 1.73
N MET A 338 -19.66 44.10 2.89
CA MET A 338 -20.71 43.30 3.53
C MET A 338 -21.50 44.04 4.62
N GLY A 339 -21.01 45.21 5.02
CA GLY A 339 -21.70 45.96 6.05
C GLY A 339 -20.92 46.13 7.34
N LEU A 340 -19.65 45.71 7.32
CA LEU A 340 -18.79 45.86 8.48
C LEU A 340 -17.96 47.13 8.23
N VAL A 341 -18.67 48.26 8.21
CA VAL A 341 -18.09 49.58 7.95
C VAL A 341 -17.62 50.41 9.16
N ASP A 342 -18.39 50.40 10.25
CA ASP A 342 -18.01 51.17 11.42
C ASP A 342 -16.65 50.79 11.98
N LEU A 343 -16.42 49.49 12.16
CA LEU A 343 -15.14 49.03 12.70
C LEU A 343 -13.96 49.67 11.96
N PHE A 344 -14.13 49.91 10.66
CA PHE A 344 -13.09 50.49 9.81
C PHE A 344 -13.31 51.99 9.59
N SER A 345 -13.64 52.69 10.67
CA SER A 345 -13.91 54.12 10.60
C SER A 345 -13.41 54.87 11.82
N PRO A 346 -12.46 55.79 11.64
CA PRO A 346 -11.94 56.55 12.77
C PRO A 346 -13.04 57.31 13.53
N GLU A 347 -14.01 57.85 12.81
CA GLU A 347 -15.09 58.57 13.47
C GLU A 347 -16.40 57.79 13.34
N LYS A 348 -16.48 56.67 14.05
CA LYS A 348 -17.67 55.83 14.05
C LYS A 348 -17.39 54.54 14.82
N SER A 349 -16.10 54.22 14.97
CA SER A 349 -15.66 53.03 15.69
C SER A 349 -16.21 53.04 17.13
N LYS A 350 -15.79 52.05 17.93
CA LYS A 350 -16.24 51.97 19.32
C LYS A 350 -15.71 50.73 20.01
N LEU A 351 -14.44 50.79 20.43
CA LEU A 351 -13.84 49.66 21.12
C LEU A 351 -13.23 50.03 22.47
N PRO A 352 -14.02 50.70 23.33
CA PRO A 352 -13.51 51.10 24.64
C PRO A 352 -13.07 49.88 25.47
N GLY A 353 -13.49 48.71 25.01
CA GLY A 353 -13.20 47.45 25.69
C GLY A 353 -11.78 46.97 25.72
N ILE A 354 -10.88 47.69 25.07
CA ILE A 354 -9.47 47.33 25.09
C ILE A 354 -8.73 48.53 25.67
N VAL A 355 -9.09 49.75 25.22
CA VAL A 355 -8.46 50.97 25.75
C VAL A 355 -8.84 50.96 27.25
N ALA A 356 -7.95 51.42 28.15
CA ALA A 356 -8.20 51.43 29.60
C ALA A 356 -9.15 52.54 30.04
N ASP A 361 -11.34 57.78 21.17
CA ASP A 361 -11.33 56.33 20.99
C ASP A 361 -10.32 55.75 19.98
N LEU A 362 -10.45 54.44 19.71
CA LEU A 362 -9.56 53.68 18.79
C LEU A 362 -10.35 52.99 17.66
N TYR A 363 -9.67 52.67 16.58
CA TYR A 363 -10.36 52.04 15.47
C TYR A 363 -9.54 50.98 14.73
N VAL A 364 -10.19 50.22 13.84
CA VAL A 364 -9.50 49.18 13.07
C VAL A 364 -8.96 49.71 11.75
N SER A 365 -7.65 49.53 11.56
CA SER A 365 -6.95 49.96 10.37
C SER A 365 -7.16 48.93 9.27
N ASP A 366 -6.75 47.70 9.54
CA ASP A 366 -6.90 46.63 8.56
C ASP A 366 -6.60 45.28 9.21
N ALA A 367 -7.28 44.25 8.74
CA ALA A 367 -7.09 42.90 9.27
C ALA A 367 -6.58 42.02 8.15
N PHE A 368 -5.57 41.22 8.44
CA PHE A 368 -5.00 40.37 7.41
C PHE A 368 -5.10 38.89 7.73
N HIS A 369 -5.42 38.11 6.70
CA HIS A 369 -5.57 36.67 6.83
C HIS A 369 -4.56 35.97 5.92
N LYS A 370 -4.17 34.75 6.30
CA LYS A 370 -3.23 33.98 5.51
C LYS A 370 -3.35 32.47 5.75
N ALA A 371 -3.50 31.74 4.66
CA ALA A 371 -3.60 30.28 4.72
C ALA A 371 -2.73 29.66 3.61
N PHE A 372 -2.08 28.55 3.96
CA PHE A 372 -1.23 27.81 3.04
C PHE A 372 -1.80 26.41 2.97
N LEU A 373 -1.69 25.77 1.81
CA LEU A 373 -2.22 24.41 1.67
C LEU A 373 -1.53 23.71 0.53
N GLU A 374 -0.70 22.73 0.86
CA GLU A 374 0.01 22.00 -0.16
C GLU A 374 -0.47 20.57 -0.12
N VAL A 375 -0.60 19.96 -1.30
CA VAL A 375 -1.10 18.59 -1.42
C VAL A 375 -0.26 17.78 -2.40
N ASN A 376 -0.23 16.47 -2.17
CA ASN A 376 0.48 15.50 -3.03
C ASN A 376 0.28 14.09 -2.47
N GLU A 377 0.83 13.10 -3.14
CA GLU A 377 0.71 11.68 -2.78
C GLU A 377 0.53 11.31 -1.32
N GLU A 378 1.24 11.98 -0.43
CA GLU A 378 1.20 11.67 1.01
C GLU A 378 0.11 12.37 1.83
N GLY A 379 -0.24 13.59 1.46
CA GLY A 379 -1.26 14.32 2.17
C GLY A 379 -1.01 15.82 2.22
N SER A 380 -1.34 16.43 3.35
CA SER A 380 -1.16 17.86 3.52
C SER A 380 0.13 18.24 4.20
N GLU A 381 0.92 19.06 3.53
CA GLU A 381 2.19 19.55 4.06
C GLU A 381 3.13 18.38 4.33
N ALA A 382 2.54 17.20 4.51
CA ALA A 382 3.28 15.98 4.77
C ALA A 382 4.29 15.68 3.67
N ALA A 383 5.56 15.80 4.00
CA ALA A 383 6.64 15.54 3.05
C ALA A 383 7.30 14.22 3.44
N ALA A 384 7.18 13.22 2.57
CA ALA A 384 7.79 11.90 2.80
C ALA A 384 7.62 11.05 1.54
N SER A 385 8.45 10.00 1.41
CA SER A 385 8.40 9.11 0.26
C SER A 385 8.00 7.72 0.72
N THR A 386 6.78 7.31 0.39
CA THR A 386 6.27 6.00 0.76
C THR A 386 6.04 5.14 -0.49
N ALA A 387 5.67 3.88 -0.28
CA ALA A 387 5.37 2.97 -1.37
C ALA A 387 4.02 2.36 -1.05
N VAL A 388 3.30 1.94 -2.08
CA VAL A 388 2.00 1.32 -1.87
C VAL A 388 1.76 0.19 -2.86
N VAL A 389 1.91 -1.04 -2.39
CA VAL A 389 1.69 -2.23 -3.23
C VAL A 389 0.36 -2.91 -2.96
N ILE A 390 -0.44 -3.09 -4.02
CA ILE A 390 -1.73 -3.75 -3.93
C ILE A 390 -1.75 -4.90 -4.93
N ALA A 391 -1.79 -6.12 -4.41
CA ALA A 391 -1.83 -7.32 -5.24
C ALA A 391 -3.19 -8.00 -5.12
N GLY A 392 -3.76 -8.40 -6.25
CA GLY A 392 -5.05 -9.06 -6.22
C GLY A 392 -6.23 -8.22 -6.63
N ARG A 393 -6.08 -6.89 -6.65
CA ARG A 393 -7.19 -6.02 -7.04
C ARG A 393 -7.45 -5.98 -8.55
N SER A 394 -8.74 -6.09 -8.89
CA SER A 394 -9.20 -6.08 -10.26
C SER A 394 -10.61 -5.48 -10.30
N LEU A 395 -10.70 -4.16 -10.33
CA LEU A 395 -12.01 -3.51 -10.33
C LEU A 395 -12.81 -3.84 -11.57
N ASN A 396 -14.07 -3.43 -11.56
CA ASN A 396 -14.97 -3.67 -12.68
C ASN A 396 -14.87 -2.59 -13.76
N PRO A 397 -14.73 -2.99 -15.04
CA PRO A 397 -14.61 -2.03 -16.13
C PRO A 397 -15.66 -0.92 -16.04
N ASN A 398 -16.84 -1.31 -15.57
CA ASN A 398 -18.00 -0.42 -15.41
C ASN A 398 -17.88 0.32 -14.07
N ARG A 399 -16.74 1.00 -13.91
CA ARG A 399 -16.43 1.73 -12.69
C ARG A 399 -16.69 3.24 -12.76
N VAL A 400 -16.76 3.85 -11.59
CA VAL A 400 -16.94 5.28 -11.45
C VAL A 400 -15.52 5.88 -11.36
N THR A 401 -15.29 7.02 -12.01
CA THR A 401 -13.98 7.67 -11.99
C THR A 401 -14.20 9.14 -11.64
N PHE A 402 -13.27 9.70 -10.88
CA PHE A 402 -13.36 11.10 -10.46
C PHE A 402 -12.17 11.84 -11.04
N LYS A 403 -12.32 12.35 -12.26
CA LYS A 403 -11.23 13.06 -12.91
C LYS A 403 -11.34 14.57 -12.82
N ALA A 404 -10.71 15.13 -11.81
CA ALA A 404 -10.72 16.57 -11.56
C ALA A 404 -9.81 17.34 -12.50
N ASN A 405 -10.12 17.32 -13.79
CA ASN A 405 -9.28 18.08 -14.70
C ASN A 405 -9.87 19.48 -14.95
N ARG A 406 -10.65 19.95 -13.98
CA ARG A 406 -11.25 21.27 -14.07
C ARG A 406 -11.56 21.90 -12.70
N PRO A 407 -11.92 23.20 -12.69
CA PRO A 407 -12.23 23.90 -11.46
C PRO A 407 -13.25 23.20 -10.53
N PHE A 408 -12.81 22.89 -9.32
CA PHE A 408 -13.66 22.26 -8.31
C PHE A 408 -13.36 22.94 -6.98
N LEU A 409 -14.30 22.87 -6.05
CA LEU A 409 -14.13 23.45 -4.72
C LEU A 409 -13.52 22.40 -3.79
N VAL A 410 -13.05 22.83 -2.63
CA VAL A 410 -12.46 21.93 -1.64
C VAL A 410 -12.86 22.33 -0.21
N PHE A 411 -13.07 21.35 0.65
CA PHE A 411 -13.42 21.64 2.03
C PHE A 411 -12.51 20.81 2.91
N ILE A 412 -12.33 21.28 4.14
CA ILE A 412 -11.52 20.60 5.13
C ILE A 412 -12.40 20.73 6.35
N ARG A 413 -13.26 19.72 6.56
CA ARG A 413 -14.19 19.70 7.68
C ARG A 413 -13.75 18.72 8.72
N GLU A 414 -14.21 18.94 9.94
CA GLU A 414 -13.86 18.04 11.02
C GLU A 414 -15.08 17.15 11.34
N VAL A 415 -14.83 15.91 11.79
CA VAL A 415 -15.88 14.95 12.12
C VAL A 415 -15.67 14.49 13.57
N PRO A 416 -16.76 14.12 14.29
CA PRO A 416 -18.16 14.10 13.86
C PRO A 416 -18.92 15.41 14.06
N LEU A 417 -18.19 16.51 14.21
CA LEU A 417 -18.81 17.81 14.43
C LEU A 417 -19.29 18.54 13.16
N ASN A 418 -18.62 18.27 12.04
CA ASN A 418 -18.95 18.91 10.76
C ASN A 418 -18.63 20.39 10.83
N THR A 419 -17.39 20.70 11.19
CA THR A 419 -16.93 22.06 11.32
C THR A 419 -16.04 22.35 10.14
N ILE A 420 -16.41 23.38 9.39
CA ILE A 420 -15.65 23.79 8.22
C ILE A 420 -14.41 24.59 8.67
N ILE A 421 -13.24 23.96 8.55
CA ILE A 421 -12.01 24.60 8.99
C ILE A 421 -11.35 25.44 7.91
N PHE A 422 -11.28 24.87 6.72
CA PHE A 422 -10.68 25.55 5.57
C PHE A 422 -11.64 25.30 4.43
N MET A 423 -11.82 26.29 3.57
CA MET A 423 -12.68 26.12 2.42
C MET A 423 -12.09 26.97 1.31
N GLY A 424 -11.67 26.31 0.23
CA GLY A 424 -11.08 27.04 -0.88
C GLY A 424 -11.45 26.51 -2.25
N ARG A 425 -10.78 27.04 -3.26
CA ARG A 425 -11.05 26.64 -4.63
C ARG A 425 -9.77 26.49 -5.48
N VAL A 426 -9.71 25.43 -6.28
CA VAL A 426 -8.55 25.22 -7.13
C VAL A 426 -8.93 25.51 -8.58
N ALA A 427 -8.67 26.74 -9.02
CA ALA A 427 -8.99 27.17 -10.36
C ALA A 427 -7.86 26.92 -11.34
N ASN A 428 -6.63 26.88 -10.83
CA ASN A 428 -5.50 26.66 -11.71
C ASN A 428 -4.25 26.11 -11.00
N PRO A 429 -4.08 24.78 -10.99
CA PRO A 429 -2.93 24.11 -10.36
C PRO A 429 -1.62 24.13 -11.14
N CYS A 430 -1.68 24.42 -12.43
CA CYS A 430 -0.47 24.43 -13.26
C CYS A 430 0.63 25.36 -12.73
N VAL A 431 1.53 25.74 -13.64
CA VAL A 431 2.66 26.63 -13.32
C VAL A 431 3.72 25.88 -12.53
N VAL B 5 27.05 -43.69 7.11
CA VAL B 5 27.88 -42.53 7.55
C VAL B 5 27.01 -41.28 7.68
N ASP B 6 27.63 -40.15 7.99
CA ASP B 6 26.93 -38.87 8.15
C ASP B 6 27.27 -37.94 6.99
N ILE B 7 26.48 -37.99 5.93
CA ILE B 7 26.75 -37.14 4.78
C ILE B 7 26.89 -35.68 5.19
N CYS B 8 25.93 -35.17 5.95
CA CYS B 8 25.98 -33.77 6.36
C CYS B 8 27.32 -33.29 6.93
N THR B 9 28.13 -34.19 7.49
CA THR B 9 29.43 -33.77 8.04
C THR B 9 30.60 -34.59 7.46
N ALA B 10 30.37 -35.19 6.30
CA ALA B 10 31.39 -35.99 5.64
C ALA B 10 31.85 -35.26 4.39
N LYS B 11 32.97 -35.69 3.83
CA LYS B 11 33.51 -35.08 2.62
C LYS B 11 33.63 -36.10 1.48
N PRO B 12 33.89 -35.62 0.25
CA PRO B 12 34.05 -36.46 -0.95
C PRO B 12 35.25 -37.40 -0.90
N ARG B 13 35.91 -37.43 0.26
CA ARG B 13 37.08 -38.29 0.48
C ARG B 13 36.87 -38.97 1.83
N ASP B 14 35.67 -39.50 2.03
CA ASP B 14 35.29 -40.18 3.26
C ASP B 14 34.15 -41.12 2.96
N ILE B 15 33.42 -40.82 1.90
CA ILE B 15 32.30 -41.64 1.46
C ILE B 15 32.15 -41.54 -0.06
N PRO B 16 33.27 -41.63 -0.80
CA PRO B 16 33.26 -41.55 -2.26
C PRO B 16 32.16 -42.38 -2.93
N MET B 17 31.18 -41.67 -3.49
CA MET B 17 30.05 -42.29 -4.17
C MET B 17 30.43 -42.66 -5.60
N ASN B 18 30.27 -43.93 -5.93
CA ASN B 18 30.57 -44.43 -7.26
C ASN B 18 29.27 -44.75 -7.98
N PRO B 19 29.01 -44.09 -9.12
CA PRO B 19 27.78 -44.36 -9.88
C PRO B 19 28.06 -45.52 -10.82
N MET B 20 27.80 -45.32 -12.10
CA MET B 20 28.06 -46.34 -13.10
C MET B 20 28.63 -45.66 -14.35
N CYS B 21 28.19 -44.42 -14.58
CA CYS B 21 28.64 -43.64 -15.73
C CYS B 21 28.90 -42.18 -15.31
N ILE B 22 30.06 -41.65 -15.72
CA ILE B 22 30.46 -40.28 -15.41
C ILE B 22 30.44 -39.55 -16.74
N TYR B 23 30.64 -38.24 -16.73
CA TYR B 23 30.60 -37.48 -17.99
C TYR B 23 31.52 -36.24 -18.04
N ARG B 24 31.18 -35.35 -18.99
CA ARG B 24 31.83 -34.06 -19.28
C ARG B 24 32.51 -34.02 -20.66
N GLU B 34 36.72 -16.33 -16.36
CA GLU B 34 35.80 -15.27 -16.77
C GLU B 34 34.38 -15.67 -16.42
N GLY B 35 33.44 -14.71 -16.50
CA GLY B 35 31.98 -14.81 -16.24
C GLY B 35 31.21 -15.82 -15.35
N SER B 36 31.52 -15.87 -14.05
CA SER B 36 30.92 -16.76 -13.00
C SER B 36 30.94 -15.90 -11.75
N GLU B 37 30.64 -14.61 -11.99
CA GLU B 37 30.71 -13.52 -10.98
C GLU B 37 30.13 -13.61 -9.56
N GLN B 38 31.10 -13.84 -8.67
CA GLN B 38 31.01 -14.01 -7.21
C GLN B 38 30.32 -12.97 -6.34
N LYS B 39 29.24 -13.38 -5.69
CA LYS B 39 28.50 -12.50 -4.79
C LYS B 39 28.05 -13.41 -3.64
N ILE B 40 28.97 -14.26 -3.18
CA ILE B 40 28.73 -15.23 -2.10
C ILE B 40 28.84 -14.60 -0.73
N PRO B 41 27.97 -15.01 0.21
CA PRO B 41 27.89 -14.54 1.61
C PRO B 41 28.67 -15.31 2.69
N GLU B 42 28.64 -14.77 3.91
CA GLU B 42 29.29 -15.30 5.10
C GLU B 42 29.64 -16.79 5.14
N ALA B 43 28.90 -17.54 5.95
CA ALA B 43 29.09 -18.98 6.14
C ALA B 43 28.43 -19.77 5.01
N THR B 44 28.99 -19.64 3.81
CA THR B 44 28.46 -20.32 2.64
C THR B 44 29.52 -21.00 1.79
N ASN B 45 29.38 -22.31 1.59
CA ASN B 45 30.31 -23.09 0.79
C ASN B 45 30.12 -22.68 -0.68
N ARG B 46 31.22 -22.35 -1.34
CA ARG B 46 31.18 -21.89 -2.74
C ARG B 46 30.51 -22.83 -3.75
N ARG B 47 30.55 -24.13 -3.51
CA ARG B 47 29.95 -25.08 -4.45
C ARG B 47 28.48 -25.36 -4.16
N VAL B 48 28.07 -25.16 -2.91
CA VAL B 48 26.69 -25.35 -2.50
C VAL B 48 25.89 -24.22 -3.15
N TRP B 49 26.46 -23.02 -3.07
CA TRP B 49 25.89 -21.82 -3.64
C TRP B 49 25.78 -22.10 -5.13
N GLU B 50 26.91 -22.45 -5.73
CA GLU B 50 27.00 -22.74 -7.15
C GLU B 50 25.93 -23.71 -7.62
N LEU B 51 25.70 -24.80 -6.89
CA LEU B 51 24.68 -25.75 -7.31
C LEU B 51 23.33 -25.05 -7.32
N SER B 52 22.98 -24.46 -6.18
CA SER B 52 21.72 -23.75 -6.03
C SER B 52 21.51 -22.80 -7.21
N LYS B 53 22.50 -21.95 -7.50
CA LYS B 53 22.39 -21.01 -8.62
C LYS B 53 22.02 -21.76 -9.88
N ALA B 54 22.80 -22.80 -10.19
CA ALA B 54 22.55 -23.62 -11.37
C ALA B 54 21.21 -24.35 -11.25
N ASN B 55 20.67 -24.42 -10.03
CA ASN B 55 19.38 -25.05 -9.83
C ASN B 55 18.39 -24.00 -10.26
N SER B 56 18.57 -22.81 -9.71
CA SER B 56 17.69 -21.69 -10.01
C SER B 56 17.59 -21.41 -11.50
N ARG B 57 18.67 -21.71 -12.21
CA ARG B 57 18.73 -21.49 -13.66
C ARG B 57 17.74 -22.36 -14.41
N PHE B 58 17.49 -23.57 -13.89
CA PHE B 58 16.52 -24.49 -14.47
C PHE B 58 15.15 -23.96 -14.05
N ALA B 59 15.10 -23.50 -12.81
CA ALA B 59 13.89 -22.95 -12.22
C ALA B 59 13.22 -21.90 -13.10
N THR B 60 14.00 -20.94 -13.58
CA THR B 60 13.44 -19.87 -14.43
C THR B 60 13.22 -20.29 -15.90
N THR B 61 14.07 -21.16 -16.42
CA THR B 61 13.90 -21.59 -17.79
C THR B 61 12.71 -22.52 -17.94
N PHE B 62 12.37 -23.25 -16.88
CA PHE B 62 11.24 -24.17 -16.93
C PHE B 62 9.94 -23.39 -16.83
N TYR B 63 9.94 -22.37 -15.97
CA TYR B 63 8.75 -21.56 -15.78
C TYR B 63 8.31 -20.94 -17.10
N GLN B 64 9.26 -20.37 -17.82
CA GLN B 64 8.95 -19.75 -19.08
C GLN B 64 8.31 -20.71 -20.06
N HIS B 65 8.71 -21.97 -20.04
CA HIS B 65 8.13 -22.95 -20.93
C HIS B 65 6.74 -23.37 -20.48
N LEU B 66 6.54 -23.34 -19.17
CA LEU B 66 5.26 -23.70 -18.61
C LEU B 66 4.29 -22.60 -19.03
N ALA B 67 4.54 -21.41 -18.52
CA ALA B 67 3.69 -20.26 -18.81
C ALA B 67 3.40 -20.21 -20.29
N ASP B 68 4.45 -20.19 -21.09
CA ASP B 68 4.32 -20.10 -22.55
C ASP B 68 3.35 -21.13 -23.15
N SER B 69 2.89 -22.07 -22.32
CA SER B 69 1.96 -23.10 -22.78
C SER B 69 0.63 -23.00 -22.04
N LYS B 70 0.34 -21.80 -21.51
CA LYS B 70 -0.90 -21.54 -20.78
C LYS B 70 -1.45 -20.17 -21.17
N ASN B 71 -2.75 -20.00 -20.96
CA ASN B 71 -3.40 -18.73 -21.21
C ASN B 71 -2.78 -17.84 -20.13
N ASP B 72 -2.50 -16.58 -20.47
CA ASP B 72 -1.86 -15.66 -19.51
C ASP B 72 -2.65 -15.20 -18.29
N ASN B 73 -3.86 -15.70 -18.14
CA ASN B 73 -4.71 -15.36 -17.01
C ASN B 73 -4.89 -16.56 -16.10
N ASP B 74 -4.05 -17.58 -16.31
CA ASP B 74 -4.13 -18.78 -15.52
C ASP B 74 -3.04 -18.81 -14.46
N ASN B 75 -3.26 -19.62 -13.40
CA ASN B 75 -2.29 -19.76 -12.30
C ASN B 75 -1.16 -20.71 -12.66
N ILE B 76 -0.10 -20.66 -11.86
CA ILE B 76 1.03 -21.53 -12.05
C ILE B 76 1.69 -21.62 -10.71
N PHE B 77 1.92 -22.84 -10.23
CA PHE B 77 2.59 -23.01 -8.95
C PHE B 77 3.34 -24.33 -8.93
N LEU B 78 4.55 -24.31 -8.38
CA LEU B 78 5.34 -25.52 -8.32
C LEU B 78 6.62 -25.34 -7.50
N SER B 79 7.30 -26.44 -7.29
CA SER B 79 8.54 -26.41 -6.55
C SER B 79 9.65 -26.83 -7.48
N PRO B 80 10.32 -25.88 -8.11
CA PRO B 80 11.40 -26.28 -9.00
C PRO B 80 12.46 -27.10 -8.24
N LEU B 81 12.74 -26.75 -6.99
CA LEU B 81 13.72 -27.48 -6.20
C LEU B 81 13.37 -28.97 -6.18
N SER B 82 12.13 -29.26 -5.85
CA SER B 82 11.63 -30.63 -5.80
C SER B 82 11.80 -31.38 -7.13
N ILE B 83 11.45 -30.73 -8.23
CA ILE B 83 11.56 -31.39 -9.51
C ILE B 83 13.02 -31.73 -9.82
N SER B 84 13.95 -30.89 -9.37
CA SER B 84 15.38 -31.17 -9.60
C SER B 84 15.80 -32.36 -8.71
N THR B 85 15.61 -32.24 -7.40
CA THR B 85 15.92 -33.34 -6.48
C THR B 85 15.52 -34.67 -7.11
N ALA B 86 14.24 -34.80 -7.47
CA ALA B 86 13.71 -36.03 -8.07
C ALA B 86 14.52 -36.57 -9.25
N PHE B 87 14.83 -35.71 -10.22
CA PHE B 87 15.59 -36.18 -11.37
C PHE B 87 17.06 -36.40 -11.05
N ALA B 88 17.60 -35.61 -10.12
CA ALA B 88 18.97 -35.81 -9.72
C ALA B 88 19.01 -37.24 -9.18
N MET B 89 18.00 -37.60 -8.37
CA MET B 89 17.87 -38.94 -7.78
C MET B 89 17.81 -39.97 -8.89
N THR B 90 17.26 -39.58 -10.04
CA THR B 90 17.11 -40.49 -11.16
C THR B 90 18.44 -40.62 -11.88
N LYS B 91 19.16 -39.52 -12.04
CA LYS B 91 20.46 -39.61 -12.71
C LYS B 91 21.37 -40.75 -12.23
N LEU B 92 21.24 -41.19 -10.98
CA LEU B 92 22.06 -42.27 -10.49
C LEU B 92 22.17 -43.37 -11.51
N GLY B 93 21.03 -43.77 -12.05
CA GLY B 93 21.01 -44.83 -13.05
C GLY B 93 21.06 -44.39 -14.51
N ALA B 94 21.28 -43.10 -14.73
CA ALA B 94 21.36 -42.59 -16.09
C ALA B 94 22.71 -42.94 -16.60
N CYS B 95 22.86 -42.98 -17.92
CA CYS B 95 24.15 -43.37 -18.34
C CYS B 95 24.84 -42.89 -19.61
N ASN B 96 24.15 -42.68 -20.74
CA ASN B 96 24.91 -42.23 -21.92
C ASN B 96 24.48 -40.88 -22.54
N ASP B 97 23.54 -40.91 -23.47
CA ASP B 97 23.04 -39.66 -24.04
C ASP B 97 21.97 -39.25 -23.04
N THR B 98 21.26 -40.27 -22.56
CA THR B 98 20.23 -40.06 -21.57
C THR B 98 20.81 -39.24 -20.43
N LEU B 99 22.08 -39.49 -20.11
CA LEU B 99 22.75 -38.78 -19.04
C LEU B 99 23.23 -37.37 -19.42
N GLN B 100 23.67 -37.19 -20.66
CA GLN B 100 24.14 -35.88 -21.07
C GLN B 100 22.98 -34.87 -21.09
N GLN B 101 21.85 -35.30 -21.61
CA GLN B 101 20.67 -34.43 -21.69
C GLN B 101 20.13 -34.14 -20.28
N LEU B 102 20.40 -35.04 -19.33
CA LEU B 102 19.95 -34.82 -17.98
C LEU B 102 20.78 -33.70 -17.40
N MET B 103 22.09 -33.89 -17.42
CA MET B 103 23.03 -32.90 -16.88
C MET B 103 22.89 -31.52 -17.53
N GLU B 104 22.54 -31.52 -18.81
CA GLU B 104 22.40 -30.27 -19.54
C GLU B 104 21.06 -29.57 -19.26
N VAL B 105 19.95 -30.28 -19.46
CA VAL B 105 18.61 -29.73 -19.20
C VAL B 105 18.47 -29.20 -17.78
N PHE B 106 18.98 -29.94 -16.80
CA PHE B 106 18.86 -29.45 -15.43
C PHE B 106 19.95 -28.48 -15.04
N LYS B 107 20.57 -27.86 -16.06
CA LYS B 107 21.64 -26.88 -15.89
C LYS B 107 22.79 -27.26 -14.94
N PHE B 108 23.24 -28.52 -15.04
CA PHE B 108 24.32 -29.03 -14.22
C PHE B 108 25.69 -28.88 -14.92
N ASP B 109 25.68 -28.82 -16.24
CA ASP B 109 26.92 -28.68 -17.00
C ASP B 109 27.46 -27.26 -16.97
N THR B 110 26.83 -26.36 -16.22
CA THR B 110 27.30 -24.98 -16.14
C THR B 110 27.90 -24.63 -14.78
N ILE B 111 28.89 -25.38 -14.38
CA ILE B 111 29.56 -25.13 -13.12
C ILE B 111 30.91 -25.81 -13.18
N SER B 112 31.63 -25.78 -12.06
CA SER B 112 32.97 -26.37 -11.96
C SER B 112 33.00 -27.90 -12.02
N GLU B 113 34.12 -28.43 -12.47
CA GLU B 113 34.30 -29.87 -12.59
C GLU B 113 34.17 -30.57 -11.23
N LYS B 114 34.73 -29.97 -10.19
CA LYS B 114 34.65 -30.57 -8.86
C LYS B 114 33.19 -30.57 -8.35
N THR B 115 32.31 -29.85 -9.03
CA THR B 115 30.90 -29.80 -8.65
C THR B 115 30.09 -30.54 -9.73
N SER B 116 30.44 -30.30 -10.99
CA SER B 116 29.74 -30.95 -12.09
C SER B 116 30.11 -32.43 -12.18
N ASP B 117 30.86 -32.92 -11.20
CA ASP B 117 31.28 -34.32 -11.16
C ASP B 117 30.93 -34.94 -9.79
N GLN B 118 30.11 -34.24 -9.00
CA GLN B 118 29.71 -34.73 -7.69
C GLN B 118 28.38 -34.13 -7.21
N ILE B 119 27.60 -33.63 -8.17
CA ILE B 119 26.29 -32.99 -7.92
C ILE B 119 25.45 -33.61 -6.81
N HIS B 120 25.63 -34.90 -6.57
CA HIS B 120 24.88 -35.59 -5.53
C HIS B 120 25.36 -35.15 -4.15
N PHE B 121 26.66 -35.31 -3.91
CA PHE B 121 27.26 -34.93 -2.63
C PHE B 121 26.83 -33.54 -2.17
N PHE B 122 27.15 -32.54 -2.96
CA PHE B 122 26.78 -31.18 -2.59
C PHE B 122 25.27 -31.04 -2.47
N PHE B 123 24.50 -31.68 -3.36
CA PHE B 123 23.04 -31.62 -3.30
C PHE B 123 22.69 -32.05 -1.89
N ALA B 124 23.33 -33.12 -1.43
CA ALA B 124 23.13 -33.67 -0.10
C ALA B 124 23.40 -32.57 0.91
N LYS B 125 24.55 -31.93 0.73
CA LYS B 125 24.94 -30.84 1.60
C LYS B 125 23.83 -29.81 1.52
N LEU B 126 23.50 -29.41 0.29
CA LEU B 126 22.44 -28.44 0.02
C LEU B 126 21.21 -28.75 0.87
N ASN B 127 20.78 -30.00 0.82
CA ASN B 127 19.62 -30.39 1.58
C ASN B 127 19.91 -30.32 3.07
N CYS B 128 21.18 -30.48 3.44
CA CYS B 128 21.55 -30.43 4.86
C CYS B 128 21.26 -29.06 5.42
N ARG B 129 21.68 -28.03 4.67
CA ARG B 129 21.50 -26.63 5.08
C ARG B 129 20.03 -26.26 5.07
N LEU B 130 19.41 -26.39 3.91
CA LEU B 130 18.01 -26.06 3.74
C LEU B 130 17.13 -26.80 4.75
N TYR B 131 17.54 -28.00 5.15
CA TYR B 131 16.68 -28.78 6.05
C TYR B 131 17.05 -28.99 7.53
N ARG B 132 18.19 -28.47 7.97
CA ARG B 132 18.63 -28.63 9.37
C ARG B 132 17.64 -28.00 10.38
N LYS B 133 17.02 -28.88 11.18
CA LYS B 133 16.01 -28.51 12.19
C LYS B 133 16.30 -27.29 13.07
N ALA B 134 15.72 -26.15 12.69
CA ALA B 134 15.89 -24.89 13.41
C ALA B 134 14.58 -24.10 13.50
N ASN B 135 14.66 -22.89 14.03
CA ASN B 135 13.52 -21.98 14.18
C ASN B 135 12.16 -22.68 14.18
N LYS B 136 11.80 -23.30 15.30
CA LYS B 136 10.51 -24.02 15.44
C LYS B 136 9.29 -23.22 14.96
N SER B 137 9.48 -21.91 14.78
CA SER B 137 8.42 -21.03 14.30
C SER B 137 8.63 -20.80 12.80
N SER B 138 9.03 -21.86 12.11
CA SER B 138 9.27 -21.85 10.67
C SER B 138 9.72 -23.25 10.29
N LYS B 139 8.74 -24.09 9.96
CA LYS B 139 8.97 -25.49 9.59
C LYS B 139 9.31 -25.68 8.11
N LEU B 140 10.34 -26.46 7.79
CA LEU B 140 10.69 -26.75 6.40
C LEU B 140 11.40 -28.09 6.25
N VAL B 141 10.64 -29.10 5.81
CA VAL B 141 11.15 -30.45 5.67
C VAL B 141 11.09 -31.08 4.25
N SER B 142 11.58 -32.31 4.15
CA SER B 142 11.58 -33.05 2.89
C SER B 142 11.64 -34.57 3.15
N ALA B 143 11.17 -35.35 2.19
CA ALA B 143 11.17 -36.80 2.31
C ALA B 143 11.30 -37.42 0.94
N ASN B 144 12.18 -38.42 0.83
CA ASN B 144 12.39 -39.11 -0.42
C ASN B 144 12.12 -40.59 -0.25
N ARG B 145 11.69 -41.23 -1.32
CA ARG B 145 11.37 -42.65 -1.25
C ARG B 145 11.38 -43.26 -2.66
N LEU B 146 11.88 -44.48 -2.76
CA LEU B 146 11.93 -45.22 -4.01
C LEU B 146 10.90 -46.34 -3.91
N PHE B 147 10.18 -46.61 -4.99
CA PHE B 147 9.15 -47.66 -5.00
C PHE B 147 9.40 -48.73 -6.06
N GLY B 148 9.79 -49.92 -5.61
CA GLY B 148 10.11 -51.01 -6.53
C GLY B 148 9.32 -52.30 -6.49
N ASP B 149 9.25 -52.96 -7.65
CA ASP B 149 8.52 -54.21 -7.79
C ASP B 149 8.91 -55.33 -6.86
N LYS B 150 7.93 -55.86 -6.15
CA LYS B 150 8.13 -56.96 -5.22
C LYS B 150 8.94 -58.13 -5.78
N SER B 151 9.20 -58.15 -7.08
CA SER B 151 9.94 -59.28 -7.63
C SER B 151 11.20 -58.96 -8.41
N LEU B 152 12.09 -58.14 -7.87
CA LEU B 152 13.26 -57.84 -8.66
C LEU B 152 14.50 -57.56 -7.85
N THR B 153 15.62 -58.04 -8.35
CA THR B 153 16.87 -57.80 -7.67
C THR B 153 17.42 -56.45 -8.18
N PHE B 154 17.29 -55.40 -7.36
CA PHE B 154 17.81 -54.10 -7.75
C PHE B 154 19.28 -54.00 -7.40
N ASN B 155 19.99 -53.17 -8.15
CA ASN B 155 21.42 -52.96 -7.93
C ASN B 155 21.70 -52.51 -6.47
N GLU B 156 22.47 -53.34 -5.76
CA GLU B 156 22.83 -53.10 -4.37
C GLU B 156 23.50 -51.75 -4.10
N THR B 157 24.35 -51.30 -5.01
CA THR B 157 25.01 -50.00 -4.84
C THR B 157 24.10 -48.86 -5.27
N TYR B 158 23.07 -49.18 -6.07
CA TYR B 158 22.11 -48.16 -6.49
C TYR B 158 21.25 -47.86 -5.26
N GLN B 159 20.87 -48.90 -4.55
CA GLN B 159 20.06 -48.71 -3.36
C GLN B 159 20.83 -47.92 -2.31
N ASP B 160 22.10 -48.25 -2.13
CA ASP B 160 22.91 -47.56 -1.14
C ASP B 160 23.06 -46.07 -1.41
N ILE B 161 23.69 -45.72 -2.53
CA ILE B 161 23.85 -44.31 -2.84
C ILE B 161 22.54 -43.54 -2.66
N SER B 162 21.42 -44.17 -3.01
CA SER B 162 20.10 -43.55 -2.91
C SER B 162 19.69 -43.25 -1.49
N GLU B 163 20.04 -44.14 -0.57
CA GLU B 163 19.68 -43.90 0.81
C GLU B 163 20.70 -42.97 1.47
N LEU B 164 21.94 -43.02 1.02
CA LEU B 164 22.95 -42.17 1.61
C LEU B 164 22.65 -40.69 1.30
N VAL B 165 22.95 -40.29 0.06
CA VAL B 165 22.76 -38.94 -0.42
C VAL B 165 21.34 -38.33 -0.38
N TYR B 166 20.31 -39.14 -0.55
CA TYR B 166 18.96 -38.60 -0.55
C TYR B 166 18.09 -39.15 0.58
N GLY B 167 18.61 -40.16 1.27
CA GLY B 167 17.84 -40.76 2.33
C GLY B 167 16.53 -41.21 1.73
N ALA B 168 16.65 -42.11 0.75
CA ALA B 168 15.51 -42.65 0.04
C ALA B 168 15.57 -44.17 0.08
N LYS B 169 14.71 -44.77 0.89
CA LYS B 169 14.64 -46.22 1.03
C LYS B 169 13.84 -46.82 -0.11
N LEU B 170 14.11 -48.10 -0.40
CA LEU B 170 13.41 -48.79 -1.49
C LEU B 170 12.33 -49.74 -0.98
N GLN B 171 11.09 -49.23 -0.96
CA GLN B 171 9.95 -49.98 -0.50
C GLN B 171 9.29 -50.79 -1.61
N PRO B 172 9.23 -52.12 -1.45
CA PRO B 172 8.63 -53.01 -2.46
C PRO B 172 7.11 -53.03 -2.49
N LEU B 173 6.55 -52.99 -3.69
CA LEU B 173 5.11 -53.04 -3.89
C LEU B 173 4.83 -54.00 -5.05
N ASP B 174 3.69 -54.70 -4.98
CA ASP B 174 3.30 -55.66 -6.01
C ASP B 174 2.71 -54.99 -7.26
N PHE B 175 3.56 -54.43 -8.10
CA PHE B 175 3.11 -53.79 -9.33
C PHE B 175 2.56 -54.80 -10.32
N LYS B 176 3.40 -55.77 -10.69
CA LYS B 176 3.07 -56.82 -11.66
C LYS B 176 1.60 -57.27 -11.65
N GLU B 177 1.04 -57.49 -10.46
CA GLU B 177 -0.34 -57.92 -10.38
C GLU B 177 -1.35 -56.83 -9.99
N ASN B 178 -1.05 -56.09 -8.92
CA ASN B 178 -1.96 -55.04 -8.44
C ASN B 178 -1.44 -53.61 -8.64
N ALA B 179 -1.56 -53.09 -9.85
CA ALA B 179 -1.10 -51.75 -10.14
C ALA B 179 -1.83 -50.62 -9.38
N GLU B 180 -3.12 -50.80 -9.06
CA GLU B 180 -3.83 -49.73 -8.36
C GLU B 180 -3.60 -49.77 -6.86
N GLN B 181 -3.69 -50.95 -6.27
CA GLN B 181 -3.49 -51.10 -4.84
C GLN B 181 -2.24 -50.35 -4.49
N SER B 182 -1.20 -50.65 -5.26
CA SER B 182 0.12 -50.04 -5.09
C SER B 182 0.13 -48.57 -5.43
N ARG B 183 -0.71 -48.16 -6.38
CA ARG B 183 -0.76 -46.74 -6.76
C ARG B 183 -1.26 -45.96 -5.57
N ALA B 184 -2.25 -46.51 -4.86
CA ALA B 184 -2.81 -45.84 -3.69
C ALA B 184 -1.81 -45.80 -2.53
N ALA B 185 -0.89 -46.75 -2.49
CA ALA B 185 0.14 -46.81 -1.44
C ALA B 185 1.09 -45.63 -1.57
N ILE B 186 1.44 -45.32 -2.82
CA ILE B 186 2.34 -44.22 -3.10
C ILE B 186 1.64 -42.92 -2.82
N ASN B 187 0.53 -42.67 -3.49
CA ASN B 187 -0.14 -41.42 -3.25
C ASN B 187 -0.46 -41.23 -1.76
N LYS B 188 -0.72 -42.33 -1.07
CA LYS B 188 -1.03 -42.21 0.35
C LYS B 188 0.21 -41.76 1.12
N TRP B 189 1.38 -42.17 0.63
CA TRP B 189 2.65 -41.81 1.26
C TRP B 189 2.93 -40.32 1.12
N VAL B 190 2.88 -39.84 -0.11
CA VAL B 190 3.10 -38.43 -0.38
C VAL B 190 2.24 -37.61 0.58
N SER B 191 0.98 -38.03 0.67
CA SER B 191 0.01 -37.39 1.53
C SER B 191 0.49 -37.18 2.96
N ASN B 192 1.00 -38.21 3.62
CA ASN B 192 1.48 -38.06 4.98
C ASN B 192 2.62 -37.06 5.06
N LYS B 193 3.54 -37.14 4.10
CA LYS B 193 4.66 -36.21 4.05
C LYS B 193 4.24 -34.79 3.70
N THR B 194 3.00 -34.59 3.29
CA THR B 194 2.57 -33.25 2.94
C THR B 194 1.40 -32.75 3.79
N GLU B 195 1.42 -33.14 5.07
CA GLU B 195 0.39 -32.74 6.02
C GLU B 195 -1.02 -32.85 5.44
N GLY B 196 -1.17 -33.69 4.42
CA GLY B 196 -2.48 -33.92 3.82
C GLY B 196 -2.84 -33.03 2.65
N ARG B 197 -1.99 -32.06 2.34
CA ARG B 197 -2.21 -31.11 1.25
C ARG B 197 -2.07 -31.66 -0.17
N ILE B 198 -1.12 -32.57 -0.37
CA ILE B 198 -0.87 -33.16 -1.68
C ILE B 198 -1.42 -34.58 -1.76
N THR B 199 -2.49 -34.77 -2.52
CA THR B 199 -3.08 -36.11 -2.67
C THR B 199 -3.19 -36.54 -4.14
N ASP B 200 -3.09 -37.85 -4.37
CA ASP B 200 -3.18 -38.38 -5.72
C ASP B 200 -2.23 -37.66 -6.67
N VAL B 201 -0.93 -37.72 -6.37
CA VAL B 201 0.11 -37.11 -7.20
C VAL B 201 0.14 -37.92 -8.48
N ILE B 202 0.19 -39.24 -8.36
CA ILE B 202 0.20 -40.07 -9.55
C ILE B 202 -1.25 -40.22 -10.01
N PRO B 203 -1.58 -39.73 -11.23
CA PRO B 203 -2.95 -39.85 -11.73
C PRO B 203 -3.44 -41.30 -11.74
N SER B 204 -4.50 -41.60 -12.49
CA SER B 204 -4.98 -42.99 -12.53
C SER B 204 -4.51 -43.72 -13.77
N GLU B 205 -4.33 -45.04 -13.65
CA GLU B 205 -3.90 -45.86 -14.78
C GLU B 205 -2.49 -45.52 -15.29
N ALA B 206 -1.75 -44.71 -14.53
CA ALA B 206 -0.39 -44.31 -14.90
C ALA B 206 0.58 -45.43 -14.56
N ILE B 207 0.12 -46.32 -13.67
CA ILE B 207 0.90 -47.47 -13.20
C ILE B 207 0.25 -48.81 -13.63
N ASN B 208 0.92 -49.53 -14.54
CA ASN B 208 0.38 -50.81 -15.00
C ASN B 208 1.26 -51.98 -14.58
N GLU B 209 0.89 -53.19 -14.96
CA GLU B 209 1.67 -54.37 -14.58
C GLU B 209 3.04 -54.49 -15.20
N LEU B 210 3.48 -53.44 -15.88
CA LEU B 210 4.79 -53.45 -16.50
C LEU B 210 5.71 -52.52 -15.73
N THR B 211 5.11 -51.63 -14.95
CA THR B 211 5.82 -50.65 -14.13
C THR B 211 6.96 -51.23 -13.28
N VAL B 212 8.17 -50.71 -13.47
CA VAL B 212 9.35 -51.15 -12.74
C VAL B 212 9.68 -50.40 -11.42
N LEU B 213 9.91 -49.09 -11.51
CA LEU B 213 10.23 -48.28 -10.34
C LEU B 213 9.66 -46.85 -10.42
N VAL B 214 9.35 -46.28 -9.25
CA VAL B 214 8.83 -44.92 -9.17
C VAL B 214 9.63 -44.14 -8.12
N LEU B 215 10.14 -42.98 -8.53
CA LEU B 215 10.93 -42.13 -7.64
C LEU B 215 10.06 -40.98 -7.24
N VAL B 216 9.94 -40.76 -5.93
CA VAL B 216 9.10 -39.70 -5.42
C VAL B 216 9.87 -38.78 -4.49
N ASN B 217 9.53 -37.49 -4.52
CA ASN B 217 10.15 -36.50 -3.64
C ASN B 217 9.08 -35.59 -3.06
N THR B 218 9.28 -35.12 -1.83
CA THR B 218 8.31 -34.24 -1.23
C THR B 218 9.00 -33.09 -0.52
N ILE B 219 8.27 -31.98 -0.41
CA ILE B 219 8.73 -30.80 0.29
C ILE B 219 7.54 -30.24 1.08
N TYR B 220 7.83 -29.70 2.26
CA TYR B 220 6.74 -29.16 3.04
C TYR B 220 7.15 -27.91 3.77
N PHE B 221 6.21 -26.98 3.87
CA PHE B 221 6.50 -25.73 4.52
C PHE B 221 5.34 -25.08 5.28
N LYS B 222 5.69 -24.27 6.26
CA LYS B 222 4.71 -23.55 7.04
C LYS B 222 5.48 -22.59 7.93
N GLY B 223 5.15 -21.31 7.86
CA GLY B 223 5.85 -20.36 8.69
C GLY B 223 5.00 -19.14 8.95
N LEU B 224 5.15 -18.54 10.12
CA LEU B 224 4.41 -17.33 10.49
C LEU B 224 5.08 -16.09 9.89
N TRP B 225 4.34 -15.00 9.80
CA TRP B 225 4.92 -13.76 9.27
C TRP B 225 5.75 -13.10 10.36
N LYS B 226 6.92 -12.57 9.99
CA LYS B 226 7.77 -11.86 10.94
C LYS B 226 6.85 -10.77 11.51
N SER B 227 6.14 -10.10 10.62
CA SER B 227 5.18 -9.06 11.00
C SER B 227 3.78 -9.46 10.54
N LYS B 228 2.99 -10.04 11.45
CA LYS B 228 1.65 -10.47 11.12
C LYS B 228 0.80 -9.38 10.47
N PHE B 229 -0.42 -9.75 10.08
CA PHE B 229 -1.42 -8.87 9.50
C PHE B 229 -2.51 -8.97 10.57
N SER B 230 -3.34 -7.95 10.73
CA SER B 230 -4.40 -7.99 11.75
C SER B 230 -5.75 -8.37 11.17
N PRO B 231 -6.21 -9.60 11.43
CA PRO B 231 -7.52 -9.94 10.85
C PRO B 231 -8.54 -8.82 10.97
N GLU B 232 -8.41 -8.00 12.02
CA GLU B 232 -9.36 -6.91 12.26
C GLU B 232 -9.47 -5.96 11.07
N ASN B 233 -8.37 -5.76 10.34
CA ASN B 233 -8.36 -4.83 9.21
C ASN B 233 -8.52 -5.46 7.82
N THR B 234 -8.99 -6.70 7.76
CA THR B 234 -9.21 -7.40 6.50
C THR B 234 -10.64 -7.21 5.96
N ARG B 235 -10.76 -6.92 4.67
CA ARG B 235 -12.07 -6.69 4.06
C ARG B 235 -12.22 -7.40 2.70
N LYS B 236 -13.49 -7.66 2.33
CA LYS B 236 -13.82 -8.36 1.08
C LYS B 236 -14.15 -7.42 -0.06
N GLU B 237 -13.58 -7.69 -1.23
CA GLU B 237 -13.79 -6.89 -2.43
C GLU B 237 -13.95 -7.74 -3.69
N LEU B 238 -14.89 -7.35 -4.55
CA LEU B 238 -15.15 -8.08 -5.78
C LEU B 238 -13.98 -8.07 -6.75
N PHE B 239 -13.81 -9.17 -7.46
CA PHE B 239 -12.73 -9.32 -8.42
C PHE B 239 -13.36 -9.63 -9.76
N TYR B 240 -12.96 -8.90 -10.80
CA TYR B 240 -13.49 -9.08 -12.14
C TYR B 240 -12.56 -9.87 -13.05
N LYS B 241 -13.03 -11.02 -13.54
CA LYS B 241 -12.23 -11.85 -14.42
C LYS B 241 -12.39 -11.41 -15.87
N ALA B 242 -11.64 -12.04 -16.77
CA ALA B 242 -11.67 -11.70 -18.20
C ALA B 242 -12.98 -12.03 -18.90
N ASP B 243 -13.55 -13.17 -18.54
CA ASP B 243 -14.81 -13.63 -19.12
C ASP B 243 -15.98 -12.71 -18.72
N GLY B 244 -15.74 -11.82 -17.77
CA GLY B 244 -16.80 -10.91 -17.36
C GLY B 244 -17.42 -11.34 -16.06
N GLU B 245 -17.00 -12.50 -15.58
CA GLU B 245 -17.51 -13.04 -14.32
C GLU B 245 -16.79 -12.37 -13.15
N SER B 246 -17.41 -12.39 -11.98
CA SER B 246 -16.81 -11.78 -10.79
C SER B 246 -16.91 -12.67 -9.55
N CYS B 247 -15.93 -12.54 -8.65
CA CYS B 247 -15.97 -13.32 -7.43
C CYS B 247 -15.45 -12.50 -6.27
N SER B 248 -15.64 -13.03 -5.07
CA SER B 248 -15.22 -12.34 -3.86
C SER B 248 -13.75 -12.58 -3.51
N ALA B 249 -13.17 -11.59 -2.84
CA ALA B 249 -11.79 -11.65 -2.42
C ALA B 249 -11.68 -11.07 -1.02
N SER B 250 -10.72 -11.57 -0.25
CA SER B 250 -10.48 -11.10 1.11
C SER B 250 -9.15 -10.40 1.11
N MET B 251 -9.16 -9.10 0.83
CA MET B 251 -7.92 -8.33 0.80
C MET B 251 -7.39 -8.02 2.19
N MET B 252 -6.09 -8.29 2.39
CA MET B 252 -5.44 -8.01 3.66
C MET B 252 -4.73 -6.65 3.53
N TYR B 253 -4.48 -5.99 4.65
CA TYR B 253 -3.83 -4.69 4.66
C TYR B 253 -2.83 -4.61 5.80
N GLN B 254 -1.71 -3.94 5.53
CA GLN B 254 -0.67 -3.79 6.55
C GLN B 254 0.20 -2.61 6.25
N GLU B 255 0.70 -1.97 7.31
CA GLU B 255 1.56 -0.81 7.19
C GLU B 255 2.83 -1.01 8.03
N GLY B 256 3.98 -0.87 7.40
CA GLY B 256 5.21 -1.05 8.15
C GLY B 256 6.52 -1.02 7.36
N LYS B 257 7.57 -1.53 8.00
CA LYS B 257 8.90 -1.59 7.41
C LYS B 257 9.05 -2.89 6.61
N PHE B 258 9.40 -2.75 5.33
CA PHE B 258 9.55 -3.90 4.46
C PHE B 258 10.56 -3.56 3.36
N ARG B 259 11.31 -4.55 2.89
CA ARG B 259 12.27 -4.33 1.83
C ARG B 259 11.50 -4.21 0.53
N TYR B 260 11.71 -3.12 -0.18
CA TYR B 260 11.00 -2.88 -1.42
C TYR B 260 11.96 -2.32 -2.46
N ARG B 261 11.49 -2.20 -3.69
CA ARG B 261 12.31 -1.66 -4.76
C ARG B 261 11.51 -1.52 -6.04
N ARG B 262 11.41 -0.29 -6.52
CA ARG B 262 10.68 0.00 -7.74
C ARG B 262 11.63 -0.25 -8.91
N VAL B 263 11.78 -1.52 -9.24
CA VAL B 263 12.64 -1.94 -10.34
C VAL B 263 12.16 -1.33 -11.66
N ALA B 264 13.02 -1.42 -12.67
CA ALA B 264 12.75 -0.90 -14.01
C ALA B 264 11.33 -1.08 -14.51
N GLU B 265 11.02 -0.41 -15.62
CA GLU B 265 9.72 -0.50 -16.28
C GLU B 265 8.59 -0.05 -15.34
N GLY B 266 8.94 0.33 -14.12
CA GLY B 266 7.93 0.73 -13.17
C GLY B 266 7.40 -0.53 -12.49
N THR B 267 8.23 -1.58 -12.48
CA THR B 267 7.87 -2.84 -11.87
C THR B 267 8.34 -2.91 -10.42
N GLN B 268 7.37 -3.14 -9.54
CA GLN B 268 7.61 -3.26 -8.12
C GLN B 268 8.13 -4.67 -7.81
N VAL B 269 8.77 -4.80 -6.65
CA VAL B 269 9.32 -6.05 -6.16
C VAL B 269 9.38 -5.94 -4.65
N LEU B 270 8.45 -6.61 -3.97
CA LEU B 270 8.39 -6.57 -2.51
C LEU B 270 8.78 -7.89 -1.86
N GLU B 271 9.26 -7.82 -0.63
CA GLU B 271 9.65 -9.00 0.12
C GLU B 271 8.99 -9.03 1.49
N LEU B 272 8.38 -10.16 1.82
CA LEU B 272 7.71 -10.36 3.11
C LEU B 272 8.38 -11.56 3.78
N PRO B 273 9.17 -11.31 4.86
CA PRO B 273 9.90 -12.34 5.61
C PRO B 273 9.13 -13.12 6.70
N PHE B 274 9.47 -14.41 6.82
CA PHE B 274 8.87 -15.29 7.83
C PHE B 274 9.78 -15.30 9.08
N LYS B 275 9.20 -15.64 10.22
CA LYS B 275 9.91 -15.70 11.51
C LYS B 275 11.19 -16.53 11.44
N GLY B 276 12.33 -15.86 11.50
CA GLY B 276 13.59 -16.58 11.44
C GLY B 276 14.48 -15.97 10.37
N ASP B 277 13.91 -15.04 9.62
CA ASP B 277 14.60 -14.35 8.55
C ASP B 277 15.55 -15.19 7.69
N ASP B 278 15.32 -16.50 7.63
CA ASP B 278 16.14 -17.38 6.79
C ASP B 278 15.33 -17.76 5.55
N ILE B 279 14.02 -17.56 5.65
CA ILE B 279 13.07 -17.81 4.55
C ILE B 279 12.09 -16.62 4.39
N THR B 280 11.83 -16.24 3.14
CA THR B 280 10.93 -15.11 2.84
C THR B 280 10.15 -15.27 1.51
N MET B 281 9.08 -14.50 1.35
CA MET B 281 8.28 -14.54 0.12
C MET B 281 8.64 -13.29 -0.64
N VAL B 282 8.59 -13.36 -1.96
CA VAL B 282 8.90 -12.20 -2.77
C VAL B 282 7.79 -12.03 -3.78
N LEU B 283 7.06 -10.93 -3.67
CA LEU B 283 5.96 -10.66 -4.57
C LEU B 283 6.46 -9.71 -5.66
N ILE B 284 6.03 -9.97 -6.89
CA ILE B 284 6.45 -9.13 -8.01
C ILE B 284 5.24 -8.71 -8.83
N LEU B 285 4.91 -7.42 -8.72
CA LEU B 285 3.77 -6.83 -9.41
C LEU B 285 4.29 -5.90 -10.50
N PRO B 286 3.78 -6.05 -11.73
CA PRO B 286 4.21 -5.20 -12.86
C PRO B 286 3.33 -3.94 -12.94
N LYS B 287 3.83 -2.90 -13.62
CA LYS B 287 3.13 -1.62 -13.76
C LYS B 287 1.63 -1.73 -14.03
N PRO B 288 0.82 -0.94 -13.32
CA PRO B 288 -0.65 -0.91 -13.43
C PRO B 288 -1.19 -1.22 -14.83
N GLU B 289 -0.51 -0.73 -15.86
CA GLU B 289 -0.93 -0.98 -17.24
C GLU B 289 0.32 -1.21 -18.11
N LYS B 290 0.95 -2.37 -17.93
CA LYS B 290 2.12 -2.79 -18.68
C LYS B 290 2.02 -4.31 -18.70
N SER B 291 2.73 -4.97 -19.60
CA SER B 291 2.70 -6.43 -19.70
C SER B 291 3.28 -7.13 -18.47
N LEU B 292 2.91 -8.38 -18.24
CA LEU B 292 3.45 -9.13 -17.13
C LEU B 292 4.24 -10.26 -17.77
N ALA B 293 3.89 -10.55 -19.01
CA ALA B 293 4.57 -11.58 -19.77
C ALA B 293 5.92 -10.96 -20.10
N LYS B 294 5.91 -9.65 -20.24
CA LYS B 294 7.12 -8.91 -20.58
C LYS B 294 8.19 -9.30 -19.58
N VAL B 295 7.84 -9.29 -18.30
CA VAL B 295 8.80 -9.66 -17.26
C VAL B 295 9.12 -11.16 -17.30
N GLU B 296 8.09 -12.00 -17.31
CA GLU B 296 8.31 -13.44 -17.33
C GLU B 296 9.42 -13.86 -18.29
N LYS B 297 9.56 -13.14 -19.39
CA LYS B 297 10.58 -13.48 -20.38
C LYS B 297 11.90 -12.75 -20.12
N GLU B 298 11.93 -11.92 -19.09
CA GLU B 298 13.13 -11.18 -18.74
C GLU B 298 13.75 -11.81 -17.50
N LEU B 299 13.05 -12.78 -16.97
CA LEU B 299 13.45 -13.49 -15.75
C LEU B 299 14.70 -14.39 -15.85
N THR B 300 15.68 -14.14 -14.97
CA THR B 300 16.90 -14.95 -14.88
C THR B 300 17.51 -14.74 -13.49
N PRO B 301 18.23 -15.74 -12.97
CA PRO B 301 18.87 -15.70 -11.65
C PRO B 301 19.57 -14.39 -11.33
N GLU B 302 20.31 -13.87 -12.30
CA GLU B 302 21.03 -12.63 -12.10
C GLU B 302 20.03 -11.52 -11.83
N VAL B 303 19.00 -11.46 -12.66
CA VAL B 303 17.93 -10.47 -12.55
C VAL B 303 17.29 -10.56 -11.16
N LEU B 304 17.02 -11.77 -10.69
CA LEU B 304 16.42 -11.91 -9.39
C LEU B 304 17.37 -11.36 -8.33
N GLN B 305 18.60 -11.89 -8.32
CA GLN B 305 19.64 -11.46 -7.38
C GLN B 305 19.81 -9.95 -7.43
N GLU B 306 20.00 -9.44 -8.64
CA GLU B 306 20.17 -8.02 -8.86
C GLU B 306 19.08 -7.31 -8.07
N TRP B 307 17.83 -7.45 -8.52
CA TRP B 307 16.70 -6.82 -7.85
C TRP B 307 16.67 -7.02 -6.32
N LEU B 308 16.93 -8.24 -5.88
CA LEU B 308 16.91 -8.57 -4.44
C LEU B 308 18.03 -7.94 -3.62
N ASP B 309 19.21 -7.79 -4.21
CA ASP B 309 20.31 -7.20 -3.47
C ASP B 309 20.03 -5.71 -3.30
N GLU B 310 19.41 -5.14 -4.33
CA GLU B 310 19.07 -3.73 -4.35
C GLU B 310 18.01 -3.31 -3.34
N LEU B 311 16.99 -4.14 -3.15
CA LEU B 311 15.92 -3.83 -2.21
C LEU B 311 16.45 -3.08 -0.98
N GLU B 312 15.90 -1.91 -0.70
CA GLU B 312 16.30 -1.13 0.47
C GLU B 312 15.07 -1.07 1.40
N GLU B 313 15.27 -1.12 2.72
CA GLU B 313 14.14 -1.07 3.64
C GLU B 313 13.31 0.17 3.39
N MET B 314 12.07 0.17 3.87
CA MET B 314 11.18 1.30 3.66
C MET B 314 9.89 1.18 4.45
N MET B 315 9.13 2.27 4.52
CA MET B 315 7.84 2.27 5.22
C MET B 315 6.78 2.26 4.12
N LEU B 316 6.07 1.15 3.97
CA LEU B 316 5.05 1.11 2.93
C LEU B 316 3.76 0.46 3.40
N VAL B 317 2.71 0.62 2.60
CA VAL B 317 1.41 0.03 2.89
C VAL B 317 1.29 -1.17 1.97
N VAL B 318 0.74 -2.26 2.50
CA VAL B 318 0.58 -3.48 1.72
C VAL B 318 -0.83 -4.04 1.73
N HIS B 319 -1.32 -4.31 0.52
CA HIS B 319 -2.64 -4.85 0.27
C HIS B 319 -2.49 -6.13 -0.55
N MET B 320 -2.57 -7.29 0.08
CA MET B 320 -2.48 -8.55 -0.66
C MET B 320 -3.58 -9.48 -0.13
N PRO B 321 -4.04 -10.42 -0.96
CA PRO B 321 -5.10 -11.30 -0.48
C PRO B 321 -4.79 -12.46 0.44
N ARG B 322 -5.88 -13.08 0.83
CA ARG B 322 -5.94 -14.25 1.70
C ARG B 322 -6.45 -15.32 0.73
N PHE B 323 -5.52 -16.04 0.10
CA PHE B 323 -5.94 -17.04 -0.87
C PHE B 323 -5.33 -18.42 -0.74
N ARG B 324 -5.67 -19.26 -1.70
CA ARG B 324 -5.18 -20.62 -1.82
C ARG B 324 -5.18 -20.96 -3.32
N ILE B 325 -4.24 -21.80 -3.75
CA ILE B 325 -4.16 -22.22 -5.16
C ILE B 325 -3.41 -23.53 -5.28
N GLU B 326 -3.73 -24.31 -6.32
CA GLU B 326 -3.09 -25.61 -6.58
C GLU B 326 -2.81 -25.87 -8.06
N ASP B 327 -1.72 -26.56 -8.35
CA ASP B 327 -1.38 -26.89 -9.72
C ASP B 327 -1.01 -28.36 -9.75
N GLY B 328 -1.33 -29.02 -10.87
CA GLY B 328 -1.02 -30.44 -11.04
C GLY B 328 -0.74 -30.67 -12.51
N PHE B 329 0.37 -31.31 -12.88
CA PHE B 329 0.64 -31.51 -14.30
C PHE B 329 1.84 -32.39 -14.65
N SER B 330 1.78 -32.98 -15.84
CA SER B 330 2.85 -33.84 -16.32
C SER B 330 4.04 -33.01 -16.79
N LEU B 331 5.23 -33.31 -16.28
CA LEU B 331 6.43 -32.59 -16.68
C LEU B 331 6.93 -33.03 -18.04
N LYS B 332 6.37 -34.13 -18.53
CA LYS B 332 6.83 -34.69 -19.80
C LYS B 332 6.92 -33.69 -20.94
N GLU B 333 5.78 -33.35 -21.52
CA GLU B 333 5.71 -32.42 -22.65
C GLU B 333 6.69 -31.25 -22.54
N GLN B 334 6.89 -30.75 -21.32
CA GLN B 334 7.78 -29.62 -21.08
C GLN B 334 9.28 -29.92 -21.11
N LEU B 335 9.69 -31.00 -20.46
CA LEU B 335 11.09 -31.36 -20.41
C LEU B 335 11.66 -31.78 -21.75
N GLN B 336 10.77 -32.20 -22.65
CA GLN B 336 11.16 -32.63 -24.00
C GLN B 336 11.36 -31.38 -24.85
N ASP B 337 10.57 -30.36 -24.56
CA ASP B 337 10.71 -29.11 -25.27
C ASP B 337 12.15 -28.60 -25.08
N MET B 338 12.68 -28.77 -23.86
CA MET B 338 14.01 -28.31 -23.52
C MET B 338 15.18 -29.20 -23.97
N GLY B 339 14.92 -30.47 -24.23
CA GLY B 339 15.97 -31.36 -24.67
C GLY B 339 16.05 -32.74 -24.00
N LEU B 340 15.23 -32.98 -22.99
CA LEU B 340 15.21 -34.26 -22.27
C LEU B 340 14.47 -35.28 -23.13
N VAL B 341 15.13 -35.82 -24.15
CA VAL B 341 14.50 -36.76 -25.05
C VAL B 341 14.75 -38.25 -24.81
N ASP B 342 16.01 -38.68 -24.88
CA ASP B 342 16.34 -40.09 -24.68
C ASP B 342 15.57 -40.79 -23.56
N LEU B 343 15.52 -40.15 -22.39
CA LEU B 343 14.85 -40.71 -21.21
C LEU B 343 13.41 -41.22 -21.39
N PHE B 344 12.62 -40.54 -22.20
CA PHE B 344 11.23 -40.90 -22.43
C PHE B 344 11.01 -41.87 -23.59
N SER B 345 12.07 -42.59 -23.99
CA SER B 345 11.99 -43.51 -25.11
C SER B 345 12.27 -44.99 -24.87
N PRO B 346 11.25 -45.85 -25.06
CA PRO B 346 11.45 -47.28 -24.86
C PRO B 346 12.66 -47.81 -25.61
N GLU B 347 13.26 -46.96 -26.45
CA GLU B 347 14.41 -47.41 -27.23
C GLU B 347 15.73 -46.69 -26.95
N LYS B 348 15.71 -45.36 -26.92
CA LYS B 348 16.93 -44.59 -26.66
C LYS B 348 17.28 -44.48 -25.17
N SER B 349 16.28 -44.60 -24.30
CA SER B 349 16.53 -44.51 -22.86
C SER B 349 17.65 -45.45 -22.47
N LYS B 350 18.31 -45.13 -21.36
CA LYS B 350 19.42 -45.91 -20.87
C LYS B 350 19.64 -45.69 -19.37
N LEU B 351 19.02 -46.55 -18.57
CA LEU B 351 19.12 -46.51 -17.12
C LEU B 351 19.53 -47.89 -16.63
N PRO B 352 20.79 -48.28 -16.87
CA PRO B 352 21.27 -49.59 -16.43
C PRO B 352 21.75 -49.76 -15.00
N GLY B 353 21.74 -48.70 -14.21
CA GLY B 353 22.25 -48.83 -12.86
C GLY B 353 21.22 -49.20 -11.82
N ILE B 354 19.96 -49.26 -12.21
CA ILE B 354 18.92 -49.56 -11.24
C ILE B 354 18.62 -51.03 -10.98
N VAL B 355 18.41 -51.83 -12.02
CA VAL B 355 18.11 -53.25 -11.82
C VAL B 355 19.22 -54.22 -12.18
N ALA B 356 19.52 -55.12 -11.24
CA ALA B 356 20.55 -56.13 -11.44
C ALA B 356 20.03 -57.14 -12.45
N GLU B 357 18.92 -57.77 -12.11
CA GLU B 357 18.32 -58.78 -12.96
C GLU B 357 16.80 -58.84 -12.82
N GLY B 358 16.15 -59.27 -13.90
CA GLY B 358 14.70 -59.40 -13.91
C GLY B 358 13.95 -58.55 -14.93
N ARG B 359 14.58 -57.50 -15.43
CA ARG B 359 13.89 -56.65 -16.41
C ARG B 359 14.79 -55.89 -17.37
N ASP B 360 14.59 -56.18 -18.65
CA ASP B 360 15.32 -55.58 -19.77
C ASP B 360 15.06 -54.09 -19.84
N ASP B 361 16.11 -53.35 -20.12
CA ASP B 361 16.05 -51.91 -20.14
C ASP B 361 14.73 -51.18 -20.09
N LEU B 362 14.74 -50.33 -19.06
CA LEU B 362 13.67 -49.46 -18.61
C LEU B 362 13.81 -48.03 -19.11
N TYR B 363 12.66 -47.38 -19.27
CA TYR B 363 12.55 -45.99 -19.73
C TYR B 363 11.59 -45.25 -18.77
N VAL B 364 11.36 -43.95 -18.99
CA VAL B 364 10.44 -43.19 -18.13
C VAL B 364 9.06 -42.98 -18.78
N SER B 365 8.09 -43.81 -18.42
CA SER B 365 6.78 -43.64 -19.00
C SER B 365 6.32 -42.21 -18.85
N ASP B 366 6.54 -41.62 -17.69
CA ASP B 366 6.13 -40.24 -17.45
C ASP B 366 6.55 -39.76 -16.05
N ALA B 367 6.25 -38.50 -15.74
CA ALA B 367 6.56 -37.92 -14.43
C ALA B 367 5.50 -36.90 -14.10
N PHE B 368 5.13 -36.83 -12.83
CA PHE B 368 4.08 -35.94 -12.41
C PHE B 368 4.54 -35.06 -11.26
N HIS B 369 3.83 -33.95 -11.09
CA HIS B 369 4.14 -32.95 -10.06
C HIS B 369 2.82 -32.33 -9.61
N LYS B 370 2.80 -31.83 -8.37
CA LYS B 370 1.64 -31.20 -7.82
C LYS B 370 2.11 -30.22 -6.77
N ALA B 371 1.41 -29.10 -6.59
CA ALA B 371 1.79 -28.09 -5.60
C ALA B 371 0.58 -27.41 -4.94
N PHE B 372 0.79 -26.89 -3.73
CA PHE B 372 -0.27 -26.22 -2.96
C PHE B 372 0.31 -25.02 -2.20
N LEU B 373 -0.41 -23.90 -2.21
CA LEU B 373 0.04 -22.70 -1.51
C LEU B 373 -1.10 -22.00 -0.77
N GLU B 374 -0.80 -21.53 0.43
CA GLU B 374 -1.80 -20.83 1.25
C GLU B 374 -1.21 -19.63 1.96
N VAL B 375 -2.00 -18.56 2.11
CA VAL B 375 -1.49 -17.37 2.77
C VAL B 375 -2.54 -16.65 3.58
N ASN B 376 -2.08 -15.97 4.63
CA ASN B 376 -2.96 -15.14 5.47
C ASN B 376 -2.24 -14.34 6.53
N GLU B 377 -3.04 -13.72 7.40
CA GLU B 377 -2.53 -12.88 8.48
C GLU B 377 -1.57 -13.60 9.42
N GLU B 378 -1.83 -14.86 9.70
CA GLU B 378 -0.96 -15.63 10.58
C GLU B 378 0.36 -15.95 9.88
N GLY B 379 0.29 -16.35 8.60
CA GLY B 379 1.52 -16.67 7.88
C GLY B 379 1.36 -17.34 6.52
N SER B 380 2.00 -18.49 6.34
CA SER B 380 1.89 -19.19 5.06
C SER B 380 2.30 -20.67 5.15
N GLU B 381 1.70 -21.48 4.30
CA GLU B 381 1.93 -22.92 4.24
C GLU B 381 1.98 -23.27 2.76
N ALA B 382 2.71 -24.33 2.40
CA ALA B 382 2.84 -24.76 1.01
C ALA B 382 3.47 -26.17 0.96
N ALA B 383 3.26 -26.89 -0.15
CA ALA B 383 3.80 -28.24 -0.31
C ALA B 383 3.89 -28.60 -1.79
N ALA B 384 4.70 -29.61 -2.10
CA ALA B 384 4.90 -30.05 -3.47
C ALA B 384 5.51 -31.45 -3.57
N SER B 385 5.16 -32.17 -4.63
CA SER B 385 5.71 -33.52 -4.85
C SER B 385 6.01 -33.78 -6.32
N THR B 386 7.03 -34.58 -6.60
CA THR B 386 7.36 -34.93 -7.96
C THR B 386 7.50 -36.45 -7.98
N ALA B 387 6.89 -37.09 -8.98
CA ALA B 387 6.92 -38.55 -9.11
C ALA B 387 7.38 -38.98 -10.48
N VAL B 388 8.38 -39.86 -10.49
CA VAL B 388 8.89 -40.36 -11.75
C VAL B 388 8.58 -41.84 -11.85
N VAL B 389 7.68 -42.18 -12.77
CA VAL B 389 7.32 -43.58 -12.97
C VAL B 389 8.10 -44.20 -14.14
N ILE B 390 8.75 -45.34 -13.86
CA ILE B 390 9.55 -46.07 -14.85
C ILE B 390 8.71 -47.20 -15.44
N ALA B 391 8.67 -47.24 -16.77
CA ALA B 391 7.93 -48.24 -17.56
C ALA B 391 6.43 -48.43 -17.18
N GLY B 392 5.64 -47.37 -17.27
CA GLY B 392 4.22 -47.47 -16.96
C GLY B 392 3.39 -46.94 -18.11
N ARG B 393 2.09 -46.74 -17.90
CA ARG B 393 1.23 -46.18 -18.95
C ARG B 393 1.80 -44.79 -19.24
N SER B 394 1.90 -44.44 -20.52
CA SER B 394 2.50 -43.18 -20.92
C SER B 394 1.62 -41.95 -21.16
N LEU B 395 0.51 -41.82 -20.45
CA LEU B 395 -0.35 -40.65 -20.62
C LEU B 395 -1.50 -40.60 -19.62
N PRO B 397 -3.56 -36.03 -21.26
CA PRO B 397 -3.24 -35.33 -20.01
C PRO B 397 -3.63 -33.85 -20.04
N ASN B 398 -4.29 -33.39 -18.98
CA ASN B 398 -4.71 -32.00 -18.87
C ASN B 398 -5.43 -31.84 -17.51
N ARG B 399 -5.27 -30.66 -16.90
CA ARG B 399 -5.88 -30.37 -15.60
C ARG B 399 -6.68 -29.08 -15.55
N VAL B 400 -6.91 -28.59 -14.33
CA VAL B 400 -7.67 -27.36 -14.13
C VAL B 400 -7.14 -26.20 -14.97
N THR B 401 -8.03 -25.61 -15.76
CA THR B 401 -7.70 -24.53 -16.67
C THR B 401 -8.54 -23.28 -16.42
N PHE B 402 -8.47 -22.72 -15.21
CA PHE B 402 -9.26 -21.54 -14.86
C PHE B 402 -8.63 -20.18 -15.24
N LYS B 403 -9.28 -19.47 -16.16
CA LYS B 403 -8.82 -18.16 -16.63
C LYS B 403 -9.29 -17.03 -15.69
N ALA B 404 -8.33 -16.36 -15.09
CA ALA B 404 -8.56 -15.27 -14.12
C ALA B 404 -8.41 -13.85 -14.65
N ASN B 405 -7.49 -13.08 -14.08
CA ASN B 405 -7.28 -11.70 -14.48
C ASN B 405 -6.20 -11.00 -13.61
N ARG B 406 -5.53 -10.00 -14.19
CA ARG B 406 -4.49 -9.23 -13.52
C ARG B 406 -3.72 -10.02 -12.45
N PRO B 407 -2.69 -10.78 -12.86
CA PRO B 407 -1.86 -11.59 -11.97
C PRO B 407 -0.54 -10.94 -11.56
N PHE B 408 0.05 -11.47 -10.49
CA PHE B 408 1.34 -11.03 -9.95
C PHE B 408 2.15 -12.29 -9.59
N LEU B 409 3.47 -12.22 -9.65
CA LEU B 409 4.33 -13.36 -9.32
C LEU B 409 4.57 -13.56 -7.83
N VAL B 410 4.96 -14.78 -7.47
CA VAL B 410 5.25 -15.11 -6.08
C VAL B 410 6.44 -16.05 -5.96
N PHE B 411 7.26 -15.82 -4.93
CA PHE B 411 8.45 -16.64 -4.68
C PHE B 411 8.60 -16.94 -3.19
N ILE B 412 9.15 -18.10 -2.89
CA ILE B 412 9.45 -18.46 -1.51
C ILE B 412 10.87 -19.01 -1.54
N ARG B 413 11.81 -18.25 -0.99
CA ARG B 413 13.21 -18.64 -0.98
C ARG B 413 13.91 -18.75 0.37
N GLU B 414 15.09 -19.37 0.36
CA GLU B 414 15.92 -19.57 1.56
C GLU B 414 17.04 -18.53 1.46
N VAL B 415 16.89 -17.48 2.28
CA VAL B 415 17.77 -16.31 2.35
C VAL B 415 19.29 -16.46 2.20
N PRO B 416 19.94 -17.26 3.06
CA PRO B 416 21.39 -17.45 2.99
C PRO B 416 22.00 -17.54 1.60
N LEU B 417 21.29 -18.12 0.63
CA LEU B 417 21.87 -18.26 -0.72
C LEU B 417 20.91 -18.26 -1.91
N ASN B 418 19.70 -17.75 -1.71
CA ASN B 418 18.72 -17.66 -2.78
C ASN B 418 18.27 -18.95 -3.45
N THR B 419 17.72 -19.89 -2.68
CA THR B 419 17.25 -21.12 -3.28
C THR B 419 15.73 -21.00 -3.45
N ILE B 420 15.26 -21.27 -4.65
CA ILE B 420 13.84 -21.19 -4.93
C ILE B 420 13.24 -22.51 -4.51
N ILE B 421 12.32 -22.43 -3.56
CA ILE B 421 11.65 -23.60 -3.06
C ILE B 421 10.30 -23.69 -3.77
N PHE B 422 9.68 -22.54 -3.98
CA PHE B 422 8.38 -22.45 -4.65
C PHE B 422 8.34 -21.19 -5.48
N MET B 423 7.57 -21.22 -6.55
CA MET B 423 7.44 -20.06 -7.44
C MET B 423 6.19 -20.21 -8.29
N GLY B 424 5.59 -19.09 -8.68
CA GLY B 424 4.38 -19.17 -9.48
C GLY B 424 3.72 -17.84 -9.77
N ARG B 425 2.46 -17.91 -10.19
CA ARG B 425 1.67 -16.74 -10.54
C ARG B 425 0.26 -16.81 -9.99
N VAL B 426 -0.09 -15.91 -9.10
CA VAL B 426 -1.43 -15.92 -8.54
C VAL B 426 -2.33 -15.05 -9.42
N ALA B 427 -3.35 -15.65 -10.01
CA ALA B 427 -4.27 -14.89 -10.87
C ALA B 427 -5.69 -14.83 -10.30
N ASN B 428 -6.04 -15.75 -9.42
CA ASN B 428 -7.37 -15.77 -8.82
C ASN B 428 -7.33 -15.78 -7.28
N PRO B 429 -7.28 -14.59 -6.65
CA PRO B 429 -7.23 -14.42 -5.20
C PRO B 429 -8.56 -14.74 -4.53
N CYS B 430 -9.57 -14.92 -5.38
CA CYS B 430 -10.93 -15.21 -4.93
C CYS B 430 -11.07 -16.39 -3.99
N VAL B 431 -11.00 -16.12 -2.69
CA VAL B 431 -11.13 -17.16 -1.67
C VAL B 431 -12.37 -16.98 -0.81
#